data_9JXP
#
_entry.id   9JXP
#
_cell.length_a   1.00
_cell.length_b   1.00
_cell.length_c   1.00
_cell.angle_alpha   90.00
_cell.angle_beta   90.00
_cell.angle_gamma   90.00
#
_symmetry.space_group_name_H-M   'P 1'
#
_entity_poly.entity_id   1
_entity_poly.type   'polypeptide(L)'
_entity_poly.pdbx_seq_one_letter_code
;PAWTTFRVGLFCGIFIVLNITLVLAAVFKLETDRSIWPLIRIYRGGFLLIEFLFLLGINTYGWRQAGVNHVLIFELNPRS
NLSHQHLFEIAGFLGILWCLSLLACFFAPISVIPTYVYPLALYGFMVFFLINPTKTFYYKSRFWLLKLLFRVFTAPFHKV
GFADFWLADQLNSLSVILMDLEYMICFYSLELKWDESKGLLPNNSEESGICHKYTYGVRAIVQCIPAWLRFIQCLRRYRD
TKRAFPHLVNAGKYSTTFFMVTFAALYSTHKERGHSDTMVFFYLWIVFYIISSCYTLIWDLKMDWGLFDKNAGENTFLRE
EIVYPQKAYYYCAIIEDVILLFAWTIQISITSTTLLPHSGDIIATVFAPLEVFRRFVWNFFRLENEHLNNCGEFRA
;
_entity_poly.pdbx_strand_id   A,B
#
# COMPACT_ATOMS: atom_id res chain seq x y z
N PRO A 1 -10.79 12.39 7.88
CA PRO A 1 -11.48 11.34 8.62
C PRO A 1 -10.59 10.13 8.89
N ALA A 2 -11.13 8.93 8.69
CA ALA A 2 -10.36 7.70 8.83
C ALA A 2 -10.23 6.93 7.52
N TRP A 3 -11.31 6.81 6.75
CA TRP A 3 -11.22 6.14 5.47
C TRP A 3 -10.28 6.86 4.52
N THR A 4 -10.26 8.19 4.57
CA THR A 4 -9.31 8.93 3.73
C THR A 4 -7.87 8.62 4.12
N THR A 5 -7.59 8.50 5.41
CA THR A 5 -6.24 8.15 5.82
C THR A 5 -5.88 6.73 5.40
N PHE A 6 -6.83 5.80 5.52
CA PHE A 6 -6.56 4.43 5.07
C PHE A 6 -6.29 4.40 3.56
N ARG A 7 -7.02 5.20 2.79
CA ARG A 7 -6.78 5.22 1.35
C ARG A 7 -5.44 5.87 1.02
N VAL A 8 -5.05 6.90 1.77
CA VAL A 8 -3.70 7.44 1.63
C VAL A 8 -2.68 6.34 1.83
N GLY A 9 -2.87 5.53 2.87
CA GLY A 9 -1.96 4.43 3.12
C GLY A 9 -1.93 3.41 2.00
N LEU A 10 -3.11 3.01 1.54
CA LEU A 10 -3.20 2.02 0.46
C LEU A 10 -2.48 2.51 -0.79
N PHE A 11 -2.76 3.75 -1.21
CA PHE A 11 -2.17 4.24 -2.44
C PHE A 11 -0.67 4.48 -2.27
N CYS A 12 -0.24 4.97 -1.11
CA CYS A 12 1.19 5.16 -0.89
C CYS A 12 1.94 3.84 -0.89
N GLY A 13 1.34 2.79 -0.33
CA GLY A 13 1.99 1.49 -0.35
C GLY A 13 2.09 0.91 -1.74
N ILE A 14 0.96 0.88 -2.46
CA ILE A 14 1.00 0.41 -3.84
C ILE A 14 2.01 1.22 -4.64
N PHE A 15 2.13 2.52 -4.35
CA PHE A 15 3.05 3.36 -5.11
C PHE A 15 4.50 3.02 -4.82
N ILE A 16 4.86 2.86 -3.55
CA ILE A 16 6.26 2.59 -3.23
C ILE A 16 6.68 1.25 -3.82
N VAL A 17 5.80 0.23 -3.74
CA VAL A 17 6.23 -1.06 -4.27
C VAL A 17 6.20 -1.06 -5.81
N LEU A 18 5.27 -0.32 -6.43
CA LEU A 18 5.33 -0.17 -7.88
C LEU A 18 6.61 0.51 -8.30
N ASN A 19 7.09 1.48 -7.51
CA ASN A 19 8.36 2.12 -7.83
C ASN A 19 9.51 1.14 -7.70
N ILE A 20 9.48 0.27 -6.69
CA ILE A 20 10.54 -0.73 -6.57
C ILE A 20 10.51 -1.69 -7.77
N THR A 21 9.33 -2.16 -8.13
CA THR A 21 9.19 -3.04 -9.27
C THR A 21 9.67 -2.36 -10.55
N LEU A 22 9.34 -1.08 -10.70
CA LEU A 22 9.73 -0.34 -11.90
C LEU A 22 11.24 -0.15 -11.97
N VAL A 23 11.87 0.19 -10.85
CA VAL A 23 13.33 0.33 -10.83
C VAL A 23 13.98 -1.01 -11.18
N LEU A 24 13.47 -2.10 -10.62
CA LEU A 24 14.06 -3.40 -10.91
C LEU A 24 13.90 -3.76 -12.38
N ALA A 25 12.71 -3.55 -12.94
CA ALA A 25 12.48 -3.87 -14.33
C ALA A 25 13.28 -2.98 -15.25
N ALA A 26 13.62 -1.77 -14.80
CA ALA A 26 14.42 -0.87 -15.63
C ALA A 26 15.90 -1.26 -15.59
N VAL A 27 16.37 -1.72 -14.43
CA VAL A 27 17.77 -2.14 -14.36
C VAL A 27 17.99 -3.45 -15.09
N PHE A 28 17.05 -4.39 -14.96
CA PHE A 28 17.28 -5.73 -15.50
C PHE A 28 16.73 -5.89 -16.93
N LYS A 29 15.44 -5.70 -17.11
CA LYS A 29 14.79 -5.94 -18.42
C LYS A 29 14.84 -4.66 -19.25
N LEU A 30 16.06 -4.32 -19.68
CA LEU A 30 16.28 -3.10 -20.47
C LEU A 30 17.20 -3.39 -21.65
N GLU A 31 16.88 -4.44 -22.42
CA GLU A 31 17.63 -4.72 -23.64
C GLU A 31 17.57 -3.51 -24.57
N THR A 32 16.39 -3.21 -25.08
CA THR A 32 16.06 -1.93 -25.73
C THR A 32 17.14 -1.49 -26.72
N ASP A 33 17.28 -2.28 -27.78
CA ASP A 33 18.13 -1.87 -28.89
C ASP A 33 17.71 -0.50 -29.42
N ARG A 34 16.40 -0.27 -29.50
CA ARG A 34 15.88 1.03 -29.89
C ARG A 34 16.20 2.08 -28.82
N SER A 35 15.98 3.34 -29.17
CA SER A 35 16.21 4.43 -28.24
C SER A 35 15.09 4.50 -27.22
N ILE A 36 15.46 4.69 -25.94
CA ILE A 36 14.49 4.74 -24.86
C ILE A 36 14.02 6.16 -24.57
N TRP A 37 14.60 7.15 -25.21
CA TRP A 37 14.29 8.56 -24.92
C TRP A 37 12.85 8.93 -25.24
N PRO A 38 12.25 8.47 -26.35
CA PRO A 38 10.84 8.77 -26.59
C PRO A 38 9.88 8.16 -25.58
N LEU A 39 10.38 7.49 -24.53
CA LEU A 39 9.53 7.00 -23.45
C LEU A 39 9.67 7.81 -22.18
N ILE A 40 10.90 8.03 -21.71
CA ILE A 40 11.07 8.84 -20.51
C ILE A 40 10.75 10.29 -20.81
N ARG A 41 10.94 10.72 -22.06
CA ARG A 41 10.59 12.09 -22.40
C ARG A 41 9.07 12.29 -22.37
N ILE A 42 8.30 11.23 -22.57
CA ILE A 42 6.85 11.35 -22.50
C ILE A 42 6.33 11.14 -21.08
N TYR A 43 7.01 10.34 -20.26
CA TYR A 43 6.56 10.11 -18.90
C TYR A 43 7.09 11.12 -17.88
N ARG A 44 8.07 11.95 -18.27
CA ARG A 44 8.52 13.01 -17.38
C ARG A 44 7.39 13.94 -16.99
N GLY A 45 6.42 14.15 -17.88
CA GLY A 45 5.31 15.02 -17.55
C GLY A 45 4.46 14.49 -16.42
N GLY A 46 4.02 13.23 -16.54
CA GLY A 46 3.28 12.61 -15.46
C GLY A 46 4.08 12.59 -14.17
N PHE A 47 5.38 12.33 -14.26
CA PHE A 47 6.18 12.27 -13.04
C PHE A 47 6.25 13.63 -12.35
N LEU A 48 6.46 14.70 -13.12
CA LEU A 48 6.51 16.02 -12.51
C LEU A 48 5.17 16.40 -11.91
N LEU A 49 4.06 16.03 -12.58
CA LEU A 49 2.75 16.36 -12.03
C LEU A 49 2.50 15.62 -10.71
N ILE A 50 2.86 14.33 -10.64
CA ILE A 50 2.62 13.57 -9.42
C ILE A 50 3.51 14.08 -8.29
N GLU A 51 4.78 14.37 -8.58
CA GLU A 51 5.64 14.94 -7.56
C GLU A 51 5.10 16.29 -7.09
N PHE A 52 4.57 17.09 -8.00
CA PHE A 52 4.02 18.38 -7.62
C PHE A 52 2.81 18.22 -6.72
N LEU A 53 1.99 17.19 -6.98
CA LEU A 53 0.80 17.02 -6.13
C LEU A 53 1.18 16.49 -4.75
N PHE A 54 2.16 15.59 -4.67
CA PHE A 54 2.68 15.21 -3.36
C PHE A 54 3.17 16.43 -2.58
N LEU A 55 4.00 17.26 -3.22
CA LEU A 55 4.57 18.40 -2.52
C LEU A 55 3.50 19.45 -2.20
N LEU A 56 2.44 19.52 -3.00
CA LEU A 56 1.35 20.42 -2.65
C LEU A 56 0.57 19.90 -1.45
N GLY A 57 0.42 18.58 -1.34
CA GLY A 57 -0.14 18.03 -0.11
C GLY A 57 0.69 18.40 1.10
N ILE A 58 2.01 18.24 0.99
CA ILE A 58 2.87 18.62 2.11
C ILE A 58 2.77 20.11 2.40
N ASN A 59 2.62 20.93 1.35
CA ASN A 59 2.43 22.36 1.55
C ASN A 59 1.15 22.65 2.32
N THR A 60 0.06 21.98 1.96
CA THR A 60 -1.20 22.22 2.66
C THR A 60 -1.08 21.80 4.12
N TYR A 61 -0.40 20.69 4.39
CA TYR A 61 -0.18 20.28 5.77
C TYR A 61 0.61 21.35 6.53
N GLY A 62 1.72 21.81 5.95
CA GLY A 62 2.54 22.79 6.63
C GLY A 62 1.79 24.08 6.90
N TRP A 63 0.98 24.52 5.92
CA TRP A 63 0.17 25.71 6.13
C TRP A 63 -0.80 25.51 7.28
N ARG A 64 -1.60 24.43 7.23
CA ARG A 64 -2.63 24.24 8.25
C ARG A 64 -2.04 24.07 9.64
N GLN A 65 -0.86 23.46 9.75
CA GLN A 65 -0.29 23.24 11.08
C GLN A 65 0.45 24.46 11.61
N ALA A 66 1.25 25.13 10.77
CA ALA A 66 2.06 26.23 11.25
C ALA A 66 1.22 27.41 11.71
N GLY A 67 0.00 27.55 11.19
CA GLY A 67 -0.87 28.63 11.61
C GLY A 67 -1.40 29.45 10.47
N VAL A 68 -0.61 29.60 9.41
CA VAL A 68 -1.02 30.34 8.22
C VAL A 68 -2.23 29.66 7.58
N ASN A 69 -3.38 30.35 7.60
CA ASN A 69 -4.61 29.78 7.07
C ASN A 69 -4.71 30.10 5.59
N HIS A 70 -4.98 29.09 4.78
CA HIS A 70 -5.18 29.25 3.35
C HIS A 70 -6.63 29.15 2.94
N VAL A 71 -7.56 29.13 3.89
CA VAL A 71 -8.97 29.07 3.55
C VAL A 71 -9.48 30.46 3.18
N LEU A 72 -8.90 31.50 3.77
CA LEU A 72 -9.30 32.86 3.44
C LEU A 72 -8.48 33.41 2.28
N ILE A 73 -7.17 33.15 2.27
CA ILE A 73 -6.30 33.67 1.22
C ILE A 73 -6.74 33.16 -0.14
N PHE A 74 -6.88 31.85 -0.27
CA PHE A 74 -7.21 31.21 -1.54
C PHE A 74 -8.65 31.47 -2.00
N GLU A 75 -9.42 32.27 -1.26
CA GLU A 75 -10.83 32.50 -1.53
C GLU A 75 -11.67 31.23 -1.49
N LEU A 76 -11.16 30.15 -0.89
CA LEU A 76 -11.96 28.96 -0.69
C LEU A 76 -13.03 29.21 0.37
N ASN A 77 -13.84 28.19 0.62
CA ASN A 77 -14.91 28.19 1.60
C ASN A 77 -14.39 27.77 2.97
N PRO A 78 -14.72 28.52 4.02
CA PRO A 78 -14.19 28.18 5.35
C PRO A 78 -14.53 26.77 5.80
N ARG A 79 -15.62 26.20 5.31
CA ARG A 79 -15.93 24.80 5.50
C ARG A 79 -15.82 24.08 4.16
N SER A 80 -16.02 22.76 4.19
CA SER A 80 -15.82 21.92 3.00
C SER A 80 -14.43 22.13 2.42
N ASN A 81 -13.44 22.24 3.29
CA ASN A 81 -12.06 22.44 2.88
C ASN A 81 -11.49 21.17 2.24
N LEU A 82 -10.23 21.23 1.84
CA LEU A 82 -9.52 20.09 1.28
C LEU A 82 -8.25 19.89 2.11
N SER A 83 -8.31 18.94 3.05
CA SER A 83 -7.16 18.66 3.90
C SER A 83 -6.01 18.11 3.05
N HIS A 84 -4.87 17.90 3.70
CA HIS A 84 -3.70 17.44 2.94
C HIS A 84 -3.80 15.97 2.59
N GLN A 85 -4.54 15.18 3.37
CA GLN A 85 -4.69 13.76 3.05
C GLN A 85 -5.39 13.57 1.71
N HIS A 86 -6.29 14.48 1.35
CA HIS A 86 -6.96 14.37 0.06
C HIS A 86 -5.97 14.56 -1.08
N LEU A 87 -5.13 15.59 -1.00
CA LEU A 87 -4.10 15.77 -2.00
C LEU A 87 -3.19 14.56 -2.06
N PHE A 88 -2.80 14.03 -0.90
CA PHE A 88 -1.93 12.87 -0.89
C PHE A 88 -2.57 11.68 -1.60
N GLU A 89 -3.86 11.43 -1.37
CA GLU A 89 -4.48 10.25 -1.95
C GLU A 89 -4.71 10.44 -3.44
N ILE A 90 -5.04 11.64 -3.89
CA ILE A 90 -5.27 11.83 -5.33
C ILE A 90 -3.94 11.80 -6.08
N ALA A 91 -2.88 12.34 -5.47
CA ALA A 91 -1.56 12.21 -6.07
C ALA A 91 -1.09 10.77 -6.10
N GLY A 92 -1.39 10.01 -5.04
CA GLY A 92 -1.07 8.60 -5.05
C GLY A 92 -1.82 7.83 -6.11
N PHE A 93 -3.08 8.22 -6.36
CA PHE A 93 -3.85 7.55 -7.40
C PHE A 93 -3.27 7.82 -8.78
N LEU A 94 -2.97 9.09 -9.06
CA LEU A 94 -2.31 9.39 -10.33
C LEU A 94 -0.95 8.71 -10.43
N GLY A 95 -0.28 8.50 -9.30
CA GLY A 95 0.98 7.78 -9.31
C GLY A 95 0.80 6.30 -9.61
N ILE A 96 -0.26 5.70 -9.07
CA ILE A 96 -0.57 4.31 -9.40
C ILE A 96 -0.81 4.17 -10.89
N LEU A 97 -1.57 5.10 -11.46
CA LEU A 97 -1.83 5.05 -12.90
C LEU A 97 -0.57 5.24 -13.71
N TRP A 98 0.28 6.18 -13.29
CA TRP A 98 1.55 6.40 -13.99
C TRP A 98 2.42 5.15 -13.96
N CYS A 99 2.58 4.55 -12.79
CA CYS A 99 3.43 3.38 -12.68
C CYS A 99 2.86 2.20 -13.46
N LEU A 100 1.54 2.03 -13.46
CA LEU A 100 0.94 0.96 -14.23
C LEU A 100 1.18 1.15 -15.72
N SER A 101 1.00 2.38 -16.21
CA SER A 101 1.25 2.64 -17.62
C SER A 101 2.71 2.41 -17.97
N LEU A 102 3.64 2.86 -17.12
CA LEU A 102 5.05 2.66 -17.42
C LEU A 102 5.41 1.18 -17.43
N LEU A 103 4.87 0.41 -16.48
CA LEU A 103 5.13 -1.03 -16.49
C LEU A 103 4.56 -1.68 -17.74
N ALA A 104 3.36 -1.29 -18.13
CA ALA A 104 2.81 -1.81 -19.38
C ALA A 104 3.67 -1.43 -20.57
N CYS A 105 4.42 -0.33 -20.47
CA CYS A 105 5.37 0.00 -21.54
C CYS A 105 6.62 -0.85 -21.46
N PHE A 106 7.01 -1.28 -20.25
CA PHE A 106 8.20 -2.13 -20.13
C PHE A 106 7.91 -3.56 -20.56
N PHE A 107 7.04 -4.26 -19.84
CA PHE A 107 6.53 -5.55 -20.28
C PHE A 107 5.31 -5.28 -21.15
N ALA A 108 5.32 -5.78 -22.37
CA ALA A 108 4.11 -5.65 -23.16
C ALA A 108 3.14 -6.76 -22.75
N PRO A 109 2.15 -6.45 -21.92
CA PRO A 109 1.28 -7.51 -21.40
C PRO A 109 0.34 -8.08 -22.46
N ILE A 110 -0.38 -7.20 -23.13
CA ILE A 110 -1.32 -7.60 -24.16
C ILE A 110 -0.62 -7.54 -25.51
N SER A 111 -0.79 -8.57 -26.32
CA SER A 111 0.00 -8.72 -27.53
C SER A 111 -0.66 -8.11 -28.77
N VAL A 112 -1.89 -7.63 -28.67
CA VAL A 112 -2.59 -7.10 -29.83
C VAL A 112 -2.45 -5.58 -29.93
N ILE A 113 -2.43 -4.88 -28.79
CA ILE A 113 -2.29 -3.42 -28.82
C ILE A 113 -0.80 -3.07 -28.82
N PRO A 114 -0.35 -2.15 -29.68
CA PRO A 114 1.05 -1.77 -29.67
C PRO A 114 1.42 -1.07 -28.37
N THR A 115 2.72 -0.98 -28.11
CA THR A 115 3.18 -0.39 -26.87
C THR A 115 3.17 1.12 -26.87
N TYR A 116 2.57 1.77 -27.87
CA TYR A 116 2.46 3.22 -27.86
C TYR A 116 1.11 3.71 -27.38
N VAL A 117 0.18 2.81 -27.06
CA VAL A 117 -1.14 3.21 -26.62
C VAL A 117 -1.21 3.44 -25.12
N TYR A 118 -0.19 3.02 -24.37
CA TYR A 118 -0.26 3.17 -22.92
C TYR A 118 -0.06 4.61 -22.46
N PRO A 119 0.91 5.37 -22.97
CA PRO A 119 0.96 6.80 -22.62
C PRO A 119 -0.29 7.55 -23.05
N LEU A 120 -0.79 7.25 -24.25
CA LEU A 120 -2.03 7.87 -24.71
C LEU A 120 -3.18 7.60 -23.75
N ALA A 121 -3.32 6.34 -23.32
CA ALA A 121 -4.40 5.99 -22.41
C ALA A 121 -4.21 6.63 -21.05
N LEU A 122 -2.98 6.66 -20.56
CA LEU A 122 -2.71 7.28 -19.26
C LEU A 122 -3.11 8.75 -19.27
N TYR A 123 -2.70 9.49 -20.29
CA TYR A 123 -3.02 10.92 -20.31
C TYR A 123 -4.46 11.18 -20.68
N GLY A 124 -5.08 10.33 -21.50
CA GLY A 124 -6.50 10.44 -21.75
C GLY A 124 -7.29 10.25 -20.48
N PHE A 125 -6.86 9.33 -19.63
CA PHE A 125 -7.54 9.16 -18.34
C PHE A 125 -7.25 10.33 -17.42
N MET A 126 -6.03 10.85 -17.42
CA MET A 126 -5.73 12.00 -16.58
C MET A 126 -6.56 13.21 -16.99
N VAL A 127 -6.95 13.29 -18.26
CA VAL A 127 -7.81 14.38 -18.70
C VAL A 127 -9.27 14.08 -18.39
N PHE A 128 -9.70 12.83 -18.57
CA PHE A 128 -11.09 12.49 -18.31
C PHE A 128 -11.42 12.59 -16.82
N PHE A 129 -10.50 12.21 -15.95
CA PHE A 129 -10.67 12.36 -14.51
C PHE A 129 -10.80 13.81 -14.10
N LEU A 130 -10.41 14.76 -14.96
CA LEU A 130 -10.49 16.18 -14.67
C LEU A 130 -11.67 16.87 -15.34
N ILE A 131 -12.18 16.32 -16.44
CA ILE A 131 -13.32 16.90 -17.13
C ILE A 131 -14.59 16.10 -16.83
N ASN A 132 -14.48 15.13 -15.92
CA ASN A 132 -15.56 14.23 -15.52
C ASN A 132 -16.84 14.99 -15.21
N PRO A 133 -17.88 14.84 -16.03
CA PRO A 133 -19.11 15.62 -15.84
C PRO A 133 -20.11 14.98 -14.88
N THR A 134 -19.72 13.95 -14.14
CA THR A 134 -20.62 13.34 -13.17
C THR A 134 -20.65 14.19 -11.90
N LYS A 135 -21.23 13.64 -10.84
CA LYS A 135 -21.25 14.29 -9.54
C LYS A 135 -20.38 13.52 -8.55
N THR A 136 -19.24 13.01 -9.04
CA THR A 136 -18.37 12.17 -8.25
C THR A 136 -16.91 12.58 -8.44
N PHE A 137 -16.04 12.00 -7.62
CA PHE A 137 -14.59 12.19 -7.70
C PHE A 137 -14.23 13.67 -7.53
N TYR A 138 -14.52 14.17 -6.33
CA TYR A 138 -14.16 15.53 -5.92
C TYR A 138 -14.85 16.56 -6.81
N TYR A 139 -16.16 16.39 -6.97
CA TYR A 139 -16.94 17.25 -7.88
C TYR A 139 -16.68 18.73 -7.62
N LYS A 140 -16.94 19.19 -6.39
CA LYS A 140 -16.81 20.61 -6.09
C LYS A 140 -15.39 21.11 -6.31
N SER A 141 -14.41 20.44 -5.71
CA SER A 141 -13.03 20.93 -5.78
C SER A 141 -12.50 20.85 -7.21
N ARG A 142 -12.81 19.77 -7.92
CA ARG A 142 -12.32 19.65 -9.29
C ARG A 142 -12.94 20.70 -10.20
N PHE A 143 -14.22 21.01 -10.00
CA PHE A 143 -14.80 22.06 -10.84
C PHE A 143 -14.33 23.44 -10.43
N TRP A 144 -13.95 23.64 -9.16
CA TRP A 144 -13.27 24.87 -8.81
C TRP A 144 -11.94 24.97 -9.53
N LEU A 145 -11.21 23.86 -9.62
CA LEU A 145 -9.96 23.86 -10.37
C LEU A 145 -10.19 24.15 -11.84
N LEU A 146 -11.28 23.63 -12.42
CA LEU A 146 -11.60 23.95 -13.81
C LEU A 146 -11.91 25.43 -13.98
N LYS A 147 -12.72 26.00 -13.11
CA LYS A 147 -13.01 27.43 -13.19
C LYS A 147 -11.73 28.24 -13.09
N LEU A 148 -10.83 27.85 -12.18
CA LEU A 148 -9.58 28.57 -12.02
C LEU A 148 -8.70 28.44 -13.26
N LEU A 149 -8.63 27.25 -13.85
CA LEU A 149 -7.81 27.06 -15.03
C LEU A 149 -8.36 27.86 -16.21
N PHE A 150 -9.69 27.95 -16.32
CA PHE A 150 -10.28 28.73 -17.40
C PHE A 150 -10.07 30.21 -17.18
N ARG A 151 -10.11 30.67 -15.92
CA ARG A 151 -9.91 32.08 -15.65
C ARG A 151 -8.43 32.48 -15.67
N VAL A 152 -7.51 31.51 -15.60
CA VAL A 152 -6.11 31.85 -15.67
C VAL A 152 -5.55 31.70 -17.08
N PHE A 153 -6.06 30.75 -17.87
CA PHE A 153 -5.53 30.58 -19.23
C PHE A 153 -6.08 31.62 -20.19
N THR A 154 -7.18 32.28 -19.84
CA THR A 154 -7.70 33.42 -20.58
C THR A 154 -7.40 34.72 -19.82
N ALA A 155 -6.21 34.81 -19.25
CA ALA A 155 -5.80 35.77 -18.22
C ALA A 155 -6.28 37.20 -18.45
N PRO A 156 -5.95 37.87 -19.57
CA PRO A 156 -6.25 39.30 -19.65
C PRO A 156 -7.71 39.59 -19.95
N PHE A 157 -8.62 38.89 -19.29
CA PHE A 157 -10.04 39.19 -19.40
C PHE A 157 -10.78 39.01 -18.07
N HIS A 158 -10.07 38.86 -16.96
CA HIS A 158 -10.71 38.64 -15.68
C HIS A 158 -9.93 39.37 -14.59
N LYS A 159 -10.60 39.65 -13.49
CA LYS A 159 -9.95 40.25 -12.34
C LYS A 159 -9.02 39.24 -11.69
N VAL A 160 -7.87 39.72 -11.22
CA VAL A 160 -6.84 38.85 -10.67
C VAL A 160 -7.15 38.58 -9.20
N GLY A 161 -7.47 37.33 -8.88
CA GLY A 161 -7.54 36.87 -7.51
C GLY A 161 -6.23 36.22 -7.11
N PHE A 162 -6.16 35.80 -5.85
CA PHE A 162 -4.94 35.13 -5.41
C PHE A 162 -4.81 33.73 -6.01
N ALA A 163 -5.93 33.04 -6.22
CA ALA A 163 -5.83 31.71 -6.82
C ALA A 163 -5.36 31.80 -8.26
N ASP A 164 -5.82 32.81 -9.00
CA ASP A 164 -5.35 33.01 -10.37
C ASP A 164 -3.84 33.20 -10.39
N PHE A 165 -3.33 34.15 -9.61
CA PHE A 165 -1.90 34.41 -9.55
C PHE A 165 -1.14 33.16 -9.14
N TRP A 166 -1.64 32.45 -8.12
CA TRP A 166 -0.90 31.31 -7.60
C TRP A 166 -0.81 30.20 -8.63
N LEU A 167 -1.92 29.90 -9.32
CA LEU A 167 -1.84 28.85 -10.33
C LEU A 167 -1.03 29.29 -11.53
N ALA A 168 -1.06 30.58 -11.90
CA ALA A 168 -0.20 31.05 -12.96
C ALA A 168 1.26 30.87 -12.59
N ASP A 169 1.60 31.09 -11.32
CA ASP A 169 2.98 30.90 -10.89
C ASP A 169 3.36 29.42 -10.90
N GLN A 170 2.48 28.55 -10.41
CA GLN A 170 2.75 27.12 -10.47
C GLN A 170 2.99 26.66 -11.89
N LEU A 171 2.14 27.09 -12.82
CA LEU A 171 2.35 26.74 -14.23
C LEU A 171 3.64 27.35 -14.75
N ASN A 172 4.04 28.50 -14.19
CA ASN A 172 5.32 29.10 -14.59
C ASN A 172 6.49 28.26 -14.10
N SER A 173 6.30 27.46 -13.07
CA SER A 173 7.36 26.56 -12.64
C SER A 173 7.32 25.20 -13.32
N LEU A 174 6.12 24.71 -13.66
CA LEU A 174 5.97 23.41 -14.31
C LEU A 174 5.94 23.54 -15.82
N SER A 175 6.92 24.21 -16.41
CA SER A 175 6.93 24.37 -17.86
C SER A 175 7.31 23.08 -18.56
N VAL A 176 8.03 22.19 -17.86
CA VAL A 176 8.44 20.94 -18.48
C VAL A 176 7.26 20.04 -18.76
N ILE A 177 6.18 20.13 -17.98
CA ILE A 177 4.99 19.34 -18.27
C ILE A 177 4.34 19.78 -19.58
N LEU A 178 4.26 21.10 -19.80
CA LEU A 178 3.70 21.59 -21.05
C LEU A 178 4.59 21.22 -22.23
N MET A 179 5.91 21.33 -22.05
CA MET A 179 6.82 20.87 -23.10
C MET A 179 6.62 19.39 -23.38
N ASP A 180 6.48 18.59 -22.33
CA ASP A 180 6.20 17.16 -22.48
C ASP A 180 4.93 16.89 -23.27
N LEU A 181 3.85 17.61 -22.95
CA LEU A 181 2.58 17.32 -23.59
C LEU A 181 2.60 17.73 -25.07
N GLU A 182 3.18 18.89 -25.37
CA GLU A 182 3.31 19.25 -26.77
C GLU A 182 4.23 18.29 -27.51
N TYR A 183 5.25 17.76 -26.83
CA TYR A 183 6.12 16.78 -27.47
C TYR A 183 5.39 15.48 -27.73
N MET A 184 4.53 15.06 -26.81
CA MET A 184 3.73 13.86 -27.06
C MET A 184 2.81 14.06 -28.25
N ILE A 185 2.20 15.24 -28.36
CA ILE A 185 1.37 15.52 -29.54
C ILE A 185 2.21 15.42 -30.81
N CYS A 186 3.35 16.12 -30.83
CA CYS A 186 4.22 16.08 -32.02
C CYS A 186 4.64 14.66 -32.35
N PHE A 187 4.99 13.86 -31.35
CA PHE A 187 5.46 12.51 -31.59
C PHE A 187 4.36 11.64 -32.17
N TYR A 188 3.22 11.56 -31.46
CA TYR A 188 2.12 10.73 -31.96
C TYR A 188 1.58 11.23 -33.28
N SER A 189 1.91 12.46 -33.68
CA SER A 189 1.58 12.92 -35.02
C SER A 189 2.66 12.58 -36.05
N LEU A 190 3.89 12.30 -35.61
CA LEU A 190 5.03 12.12 -36.51
C LEU A 190 5.83 10.87 -36.12
N GLU A 191 5.15 9.74 -35.93
CA GLU A 191 5.84 8.49 -35.63
C GLU A 191 5.06 7.34 -36.23
N LEU A 192 5.79 6.31 -36.69
CA LEU A 192 5.15 5.16 -37.33
C LEU A 192 4.27 4.42 -36.33
N LYS A 193 3.10 4.00 -36.78
CA LYS A 193 2.07 3.45 -35.91
C LYS A 193 1.89 1.95 -36.10
N TRP A 194 2.98 1.21 -36.29
CA TRP A 194 2.84 -0.21 -36.55
C TRP A 194 2.98 -1.07 -35.29
N ASP A 195 4.16 -1.08 -34.66
CA ASP A 195 4.35 -1.98 -33.54
C ASP A 195 5.18 -1.47 -32.37
N GLU A 196 5.79 -0.29 -32.43
CA GLU A 196 6.77 0.07 -31.42
C GLU A 196 6.80 1.57 -31.21
N SER A 197 7.59 1.97 -30.20
CA SER A 197 7.80 3.38 -29.85
C SER A 197 6.49 4.10 -29.55
N GLY A 209 14.48 13.59 -35.41
CA GLY A 209 13.08 13.92 -35.52
C GLY A 209 12.81 15.41 -35.65
N ILE A 210 11.59 15.75 -36.06
CA ILE A 210 11.24 17.16 -36.22
C ILE A 210 11.28 17.89 -34.88
N CYS A 211 10.45 17.47 -33.93
CA CYS A 211 10.53 18.00 -32.57
C CYS A 211 11.65 17.28 -31.83
N HIS A 212 11.69 17.45 -30.50
CA HIS A 212 12.86 17.19 -29.66
C HIS A 212 13.87 18.32 -29.85
N LYS A 213 13.60 19.20 -30.82
CA LYS A 213 14.42 20.36 -31.07
C LYS A 213 13.53 21.59 -31.18
N TYR A 214 14.16 22.77 -31.16
CA TYR A 214 13.44 24.04 -31.24
C TYR A 214 13.28 24.51 -32.69
N THR A 215 13.24 23.57 -33.64
CA THR A 215 13.32 23.93 -35.06
C THR A 215 12.17 24.83 -35.50
N TYR A 216 10.94 24.35 -35.36
CA TYR A 216 9.78 25.08 -35.87
C TYR A 216 9.19 26.02 -34.84
N GLY A 217 9.95 26.34 -33.79
CA GLY A 217 9.53 27.35 -32.83
C GLY A 217 8.42 26.94 -31.89
N VAL A 218 7.83 25.75 -32.05
CA VAL A 218 6.75 25.35 -31.16
C VAL A 218 7.26 25.15 -29.74
N ARG A 219 8.50 24.68 -29.60
CA ARG A 219 9.06 24.52 -28.27
C ARG A 219 9.19 25.85 -27.55
N ALA A 220 9.60 26.91 -28.27
CA ALA A 220 9.71 28.22 -27.66
C ALA A 220 8.36 28.71 -27.16
N ILE A 221 7.34 28.60 -28.01
CA ILE A 221 6.00 29.06 -27.65
C ILE A 221 5.49 28.29 -26.43
N VAL A 222 5.64 26.97 -26.44
CA VAL A 222 5.11 26.16 -25.34
C VAL A 222 5.87 26.44 -24.06
N GLN A 223 7.19 26.63 -24.15
CA GLN A 223 7.98 26.87 -22.94
C GLN A 223 7.71 28.26 -22.38
N CYS A 224 7.33 29.22 -23.22
CA CYS A 224 7.10 30.57 -22.75
C CYS A 224 5.63 30.89 -22.49
N ILE A 225 4.72 29.97 -22.80
CA ILE A 225 3.29 30.28 -22.59
C ILE A 225 2.93 30.44 -21.12
N PRO A 226 3.59 29.81 -20.13
CA PRO A 226 3.26 30.17 -18.75
C PRO A 226 3.85 31.51 -18.34
N ALA A 227 5.04 31.82 -18.84
CA ALA A 227 5.57 33.16 -18.65
C ALA A 227 4.64 34.19 -19.28
N TRP A 228 4.07 33.88 -20.44
CA TRP A 228 3.10 34.80 -21.04
C TRP A 228 1.85 34.92 -20.20
N LEU A 229 1.34 33.81 -19.68
CA LEU A 229 0.20 33.84 -18.77
C LEU A 229 0.45 34.83 -17.64
N ARG A 230 1.55 34.62 -16.91
CA ARG A 230 1.82 35.45 -15.74
C ARG A 230 2.12 36.90 -16.14
N PHE A 231 2.78 37.12 -17.27
CA PHE A 231 3.09 38.47 -17.69
C PHE A 231 1.82 39.25 -18.02
N ILE A 232 0.95 38.67 -18.86
CA ILE A 232 -0.26 39.39 -19.20
C ILE A 232 -1.18 39.48 -17.99
N GLN A 233 -1.06 38.57 -17.03
CA GLN A 233 -1.86 38.64 -15.82
C GLN A 233 -1.44 39.81 -14.95
N CYS A 234 -0.13 39.97 -14.74
CA CYS A 234 0.32 41.11 -13.96
C CYS A 234 0.07 42.42 -14.70
N LEU A 235 0.10 42.40 -16.03
CA LEU A 235 -0.29 43.60 -16.76
C LEU A 235 -1.76 43.93 -16.58
N ARG A 236 -2.62 42.92 -16.57
CA ARG A 236 -4.03 43.14 -16.29
C ARG A 236 -4.22 43.70 -14.88
N ARG A 237 -3.43 43.21 -13.92
CA ARG A 237 -3.53 43.74 -12.57
C ARG A 237 -3.08 45.20 -12.52
N TYR A 238 -2.01 45.53 -13.26
CA TYR A 238 -1.55 46.91 -13.31
C TYR A 238 -2.59 47.81 -13.97
N ARG A 239 -3.36 47.29 -14.92
CA ARG A 239 -4.43 48.09 -15.51
C ARG A 239 -5.59 48.24 -14.54
N ASP A 240 -5.89 47.19 -13.78
CA ASP A 240 -6.97 47.27 -12.80
C ASP A 240 -6.66 48.31 -11.73
N THR A 241 -5.56 48.12 -10.99
CA THR A 241 -5.14 49.13 -10.03
C THR A 241 -4.37 50.22 -10.78
N LYS A 242 -3.72 51.11 -10.04
CA LYS A 242 -2.78 52.05 -10.65
C LYS A 242 -1.59 52.17 -9.70
N ARG A 243 -0.63 51.27 -9.86
CA ARG A 243 0.59 51.25 -9.07
C ARG A 243 1.65 50.52 -9.89
N ALA A 244 2.86 51.09 -9.92
CA ALA A 244 3.90 50.58 -10.80
C ALA A 244 4.98 49.79 -10.07
N PHE A 245 5.04 49.83 -8.75
CA PHE A 245 6.14 49.13 -8.11
C PHE A 245 5.98 47.62 -8.22
N PRO A 246 4.99 46.97 -7.56
CA PRO A 246 4.91 45.51 -7.67
C PRO A 246 4.03 45.04 -8.83
N HIS A 247 4.09 45.70 -9.97
CA HIS A 247 3.40 45.18 -11.15
C HIS A 247 4.31 45.08 -12.36
N LEU A 248 5.00 46.18 -12.68
CA LEU A 248 5.85 46.21 -13.86
C LEU A 248 7.25 45.69 -13.55
N VAL A 249 7.76 45.97 -12.36
CA VAL A 249 8.97 45.30 -11.90
C VAL A 249 8.72 43.79 -11.84
N ASN A 250 7.46 43.38 -11.64
CA ASN A 250 7.12 41.97 -11.71
C ASN A 250 7.02 41.50 -13.15
N ALA A 251 6.51 42.33 -14.07
CA ALA A 251 6.44 41.95 -15.46
C ALA A 251 7.82 41.75 -16.07
N GLY A 252 8.80 42.50 -15.59
CA GLY A 252 10.16 42.32 -16.07
C GLY A 252 10.70 40.93 -15.81
N LYS A 253 10.33 40.35 -14.66
CA LYS A 253 10.83 39.02 -14.30
C LYS A 253 10.41 37.97 -15.31
N TYR A 254 9.20 38.13 -15.88
CA TYR A 254 8.74 37.17 -16.86
C TYR A 254 9.06 37.60 -18.29
N SER A 255 9.43 38.87 -18.50
CA SER A 255 10.01 39.24 -19.79
C SER A 255 11.40 38.65 -19.95
N THR A 256 12.16 38.53 -18.87
CA THR A 256 13.46 37.89 -18.96
C THR A 256 13.34 36.42 -19.39
N THR A 257 12.28 35.73 -18.97
CA THR A 257 12.07 34.37 -19.44
C THR A 257 11.77 34.32 -20.94
N PHE A 258 10.95 35.25 -21.43
CA PHE A 258 10.77 35.41 -22.87
C PHE A 258 12.10 35.50 -23.58
N PHE A 259 12.95 36.43 -23.13
CA PHE A 259 14.20 36.66 -23.81
C PHE A 259 15.13 35.45 -23.73
N MET A 260 15.18 34.81 -22.56
CA MET A 260 16.04 33.64 -22.41
C MET A 260 15.62 32.52 -23.35
N VAL A 261 14.31 32.25 -23.41
CA VAL A 261 13.84 31.18 -24.30
C VAL A 261 14.11 31.53 -25.76
N THR A 262 13.84 32.78 -26.17
CA THR A 262 14.10 33.16 -27.54
C THR A 262 15.56 32.98 -27.90
N PHE A 263 16.47 33.50 -27.07
CA PHE A 263 17.88 33.39 -27.39
C PHE A 263 18.38 31.95 -27.33
N ALA A 264 17.88 31.14 -26.40
CA ALA A 264 18.27 29.74 -26.38
C ALA A 264 17.81 29.01 -27.63
N ALA A 265 16.61 29.33 -28.12
CA ALA A 265 16.12 28.70 -29.35
C ALA A 265 16.98 29.10 -30.53
N LEU A 266 17.29 30.39 -30.66
CA LEU A 266 18.15 30.83 -31.76
C LEU A 266 19.52 30.19 -31.68
N TYR A 267 20.10 30.10 -30.48
CA TYR A 267 21.41 29.47 -30.35
C TYR A 267 21.36 28.00 -30.72
N SER A 268 20.32 27.29 -30.28
CA SER A 268 20.21 25.87 -30.58
C SER A 268 20.05 25.63 -32.07
N THR A 269 19.18 26.40 -32.73
CA THR A 269 18.98 26.20 -34.16
C THR A 269 20.23 26.59 -34.94
N HIS A 270 20.98 27.60 -34.49
CA HIS A 270 22.19 27.98 -35.20
C HIS A 270 23.32 26.98 -34.96
N LYS A 271 23.36 26.36 -33.78
CA LYS A 271 24.34 25.30 -33.54
C LYS A 271 24.02 24.07 -34.38
N GLU A 272 22.72 23.76 -34.55
CA GLU A 272 22.34 22.67 -35.44
C GLU A 272 22.75 22.99 -36.88
N ARG A 273 22.47 24.21 -37.33
CA ARG A 273 22.89 24.62 -38.66
C ARG A 273 24.37 24.99 -38.71
N GLY A 274 25.04 25.08 -37.56
CA GLY A 274 26.48 25.31 -37.55
C GLY A 274 26.94 26.64 -38.06
N HIS A 275 26.06 27.64 -38.07
CA HIS A 275 26.44 28.96 -38.56
C HIS A 275 27.43 29.63 -37.60
N SER A 276 28.05 30.70 -38.08
CA SER A 276 28.98 31.47 -37.27
C SER A 276 28.29 32.36 -36.25
N ASP A 277 26.97 32.47 -36.30
CA ASP A 277 26.20 33.25 -35.35
C ASP A 277 25.86 32.46 -34.08
N THR A 278 26.54 31.35 -33.84
CA THR A 278 26.21 30.50 -32.70
C THR A 278 26.82 31.02 -31.41
N MET A 279 28.07 31.47 -31.47
CA MET A 279 28.76 31.86 -30.23
C MET A 279 28.16 33.13 -29.64
N VAL A 280 27.80 34.10 -30.49
CA VAL A 280 27.22 35.34 -29.98
C VAL A 280 25.87 35.07 -29.34
N PHE A 281 25.05 34.22 -29.97
CA PHE A 281 23.76 33.89 -29.37
C PHE A 281 23.94 33.08 -28.10
N PHE A 282 24.98 32.23 -28.04
CA PHE A 282 25.25 31.50 -26.80
C PHE A 282 25.62 32.45 -25.67
N TYR A 283 26.46 33.44 -25.96
CA TYR A 283 26.84 34.41 -24.94
C TYR A 283 25.63 35.23 -24.50
N LEU A 284 24.76 35.60 -25.45
CA LEU A 284 23.59 36.39 -25.10
C LEU A 284 22.60 35.56 -24.28
N TRP A 285 22.47 34.27 -24.59
CA TRP A 285 21.66 33.38 -23.76
C TRP A 285 22.24 33.27 -22.37
N ILE A 286 23.57 33.16 -22.26
CA ILE A 286 24.23 33.11 -20.95
C ILE A 286 23.87 34.35 -20.14
N VAL A 287 24.09 35.54 -20.72
CA VAL A 287 23.88 36.77 -19.96
C VAL A 287 22.40 36.98 -19.64
N PHE A 288 21.50 36.57 -20.53
CA PHE A 288 20.08 36.76 -20.24
C PHE A 288 19.57 35.79 -19.20
N TYR A 289 20.07 34.55 -19.17
CA TYR A 289 19.67 33.70 -18.07
C TYR A 289 20.30 34.18 -16.78
N ILE A 290 21.49 34.77 -16.83
CA ILE A 290 22.10 35.33 -15.63
C ILE A 290 21.24 36.44 -15.06
N ILE A 291 20.81 37.38 -15.92
CA ILE A 291 20.00 38.48 -15.42
C ILE A 291 18.63 37.98 -14.97
N SER A 292 18.05 36.98 -15.66
CA SER A 292 16.78 36.43 -15.23
C SER A 292 16.89 35.74 -13.88
N SER A 293 17.94 34.96 -13.66
CA SER A 293 18.12 34.27 -12.39
C SER A 293 18.38 35.25 -11.26
N CYS A 294 19.24 36.24 -11.48
CA CYS A 294 19.45 37.26 -10.44
C CYS A 294 18.17 38.01 -10.15
N TYR A 295 17.40 38.35 -11.18
CA TYR A 295 16.15 39.07 -11.00
C TYR A 295 15.17 38.26 -10.16
N THR A 296 14.92 37.02 -10.55
CA THR A 296 13.95 36.20 -9.83
C THR A 296 14.45 35.85 -8.43
N LEU A 297 15.77 35.73 -8.24
CA LEU A 297 16.29 35.46 -6.90
C LEU A 297 16.08 36.66 -5.98
N ILE A 298 16.44 37.85 -6.46
CA ILE A 298 16.22 39.06 -5.66
C ILE A 298 14.74 39.24 -5.36
N TRP A 299 13.89 39.02 -6.36
CA TRP A 299 12.46 39.19 -6.14
C TRP A 299 11.93 38.21 -5.11
N ASP A 300 12.28 36.93 -5.25
CA ASP A 300 11.83 35.93 -4.30
C ASP A 300 12.32 36.23 -2.89
N LEU A 301 13.57 36.67 -2.75
CA LEU A 301 14.11 36.91 -1.43
C LEU A 301 13.60 38.21 -0.83
N LYS A 302 13.10 39.15 -1.64
CA LYS A 302 12.68 40.45 -1.13
C LYS A 302 11.17 40.55 -0.93
N MET A 303 10.39 40.33 -1.98
CA MET A 303 8.96 40.58 -1.92
C MET A 303 8.13 39.31 -1.72
N ASP A 304 8.34 38.29 -2.55
CA ASP A 304 7.53 37.08 -2.43
C ASP A 304 7.78 36.32 -1.14
N TRP A 305 8.85 36.65 -0.41
CA TRP A 305 9.09 36.06 0.89
C TRP A 305 9.14 37.09 2.02
N GLY A 306 9.36 38.36 1.72
CA GLY A 306 9.47 39.37 2.75
C GLY A 306 10.72 39.31 3.60
N LEU A 307 11.65 38.42 3.28
CA LEU A 307 12.86 38.26 4.08
C LEU A 307 13.74 39.49 3.96
N PHE A 308 14.87 39.46 4.67
CA PHE A 308 15.85 40.55 4.67
C PHE A 308 15.19 41.88 5.06
N ASP A 309 14.36 41.83 6.10
CA ASP A 309 13.60 43.01 6.50
C ASP A 309 14.55 44.09 7.04
N LYS A 310 14.08 45.34 6.99
CA LYS A 310 14.89 46.44 7.48
C LYS A 310 14.93 46.50 8.99
N ASN A 311 13.86 46.10 9.67
CA ASN A 311 13.81 46.02 11.12
C ASN A 311 13.36 44.62 11.51
N ALA A 312 14.31 43.69 11.59
CA ALA A 312 14.03 42.30 11.93
C ALA A 312 14.31 41.98 13.39
N GLY A 313 14.95 42.88 14.13
CA GLY A 313 15.17 42.64 15.54
C GLY A 313 16.24 41.60 15.78
N GLU A 314 15.98 40.70 16.72
CA GLU A 314 16.95 39.65 17.04
C GLU A 314 17.15 38.70 15.88
N ASN A 315 16.13 38.49 15.05
CA ASN A 315 16.25 37.68 13.85
C ASN A 315 17.23 38.38 12.90
N THR A 316 18.35 37.72 12.60
CA THR A 316 19.41 38.36 11.84
C THR A 316 18.93 38.74 10.44
N PHE A 317 18.58 37.74 9.63
CA PHE A 317 18.09 37.96 8.27
C PHE A 317 16.75 37.26 8.12
N LEU A 318 15.69 37.94 8.54
CA LEU A 318 14.33 37.42 8.48
C LEU A 318 13.37 38.61 8.54
N ARG A 319 12.10 38.32 8.78
CA ARG A 319 11.11 39.37 9.01
C ARG A 319 11.21 39.86 10.45
N GLU A 320 10.22 40.65 10.88
CA GLU A 320 10.14 41.03 12.28
C GLU A 320 9.48 39.94 13.11
N GLU A 321 8.56 39.19 12.51
CA GLU A 321 7.95 38.03 13.13
C GLU A 321 8.02 36.85 12.17
N ILE A 322 7.87 35.65 12.72
CA ILE A 322 7.95 34.42 11.95
C ILE A 322 6.89 33.45 12.45
N VAL A 323 6.60 32.45 11.62
CA VAL A 323 5.60 31.45 11.93
C VAL A 323 6.21 30.06 12.08
N TYR A 324 7.14 29.70 11.22
CA TYR A 324 7.75 28.38 11.29
C TYR A 324 8.74 28.33 12.44
N PRO A 325 8.64 27.35 13.34
CA PRO A 325 9.36 27.42 14.61
C PRO A 325 10.89 27.45 14.48
N GLN A 326 11.46 26.45 13.82
CA GLN A 326 12.91 26.35 13.75
C GLN A 326 13.46 27.42 12.81
N LYS A 327 14.22 28.36 13.35
CA LYS A 327 14.76 29.45 12.54
C LYS A 327 15.71 28.95 11.47
N ALA A 328 16.27 27.76 11.63
CA ALA A 328 17.16 27.20 10.62
C ALA A 328 16.43 26.86 9.33
N TYR A 329 15.11 26.64 9.39
CA TYR A 329 14.34 26.37 8.20
C TYR A 329 14.51 27.48 7.17
N TYR A 330 14.48 28.73 7.63
CA TYR A 330 14.55 29.86 6.71
C TYR A 330 15.92 29.97 6.06
N TYR A 331 16.99 29.74 6.81
CA TYR A 331 18.32 29.78 6.22
C TYR A 331 18.51 28.63 5.24
N CYS A 332 17.99 27.45 5.59
CA CYS A 332 18.01 26.33 4.65
C CYS A 332 17.25 26.68 3.38
N ALA A 333 16.13 27.40 3.51
CA ALA A 333 15.35 27.77 2.33
C ALA A 333 16.10 28.78 1.48
N ILE A 334 16.79 29.74 2.10
CA ILE A 334 17.58 30.70 1.33
C ILE A 334 18.68 29.98 0.56
N ILE A 335 19.38 29.06 1.23
CA ILE A 335 20.45 28.34 0.56
C ILE A 335 19.89 27.46 -0.57
N GLU A 336 18.76 26.81 -0.32
CA GLU A 336 18.17 25.94 -1.33
C GLU A 336 17.62 26.73 -2.50
N ASP A 337 17.16 27.96 -2.27
CA ASP A 337 16.65 28.77 -3.38
C ASP A 337 17.77 29.44 -4.15
N VAL A 338 18.93 29.65 -3.53
CA VAL A 338 20.06 30.17 -4.30
C VAL A 338 20.84 29.05 -4.97
N ILE A 339 20.65 27.79 -4.56
CA ILE A 339 21.31 26.66 -5.20
C ILE A 339 20.44 26.06 -6.30
N LEU A 340 19.17 25.75 -5.99
CA LEU A 340 18.28 25.17 -6.99
C LEU A 340 18.15 26.08 -8.20
N LEU A 341 17.65 27.29 -8.00
CA LEU A 341 17.91 28.34 -8.97
C LEU A 341 19.41 28.56 -9.04
N PHE A 342 19.90 28.86 -10.24
CA PHE A 342 21.31 28.92 -10.63
C PHE A 342 21.91 27.53 -10.86
N ALA A 343 21.11 26.46 -10.84
CA ALA A 343 21.62 25.15 -11.20
C ALA A 343 21.81 24.99 -12.69
N TRP A 344 21.32 25.94 -13.49
CA TRP A 344 21.49 25.91 -14.93
C TRP A 344 22.96 25.94 -15.35
N THR A 345 23.84 26.46 -14.49
CA THR A 345 25.25 26.54 -14.86
C THR A 345 25.84 25.16 -15.02
N ILE A 346 25.57 24.25 -14.07
CA ILE A 346 26.04 22.88 -14.22
C ILE A 346 25.50 22.26 -15.51
N GLN A 347 24.23 22.49 -15.79
CA GLN A 347 23.60 21.97 -17.00
C GLN A 347 24.37 22.43 -18.24
N ILE A 348 24.51 23.75 -18.40
CA ILE A 348 25.07 24.29 -19.63
C ILE A 348 26.55 23.93 -19.75
N SER A 349 27.27 23.89 -18.62
CA SER A 349 28.68 23.54 -18.66
C SER A 349 28.86 22.07 -19.06
N ILE A 350 28.12 21.17 -18.41
CA ILE A 350 28.27 19.75 -18.69
C ILE A 350 27.73 19.39 -20.06
N THR A 351 26.86 20.22 -20.64
CA THR A 351 26.41 19.97 -22.01
C THR A 351 27.33 20.59 -23.05
N SER A 352 28.09 21.63 -22.68
CA SER A 352 29.00 22.26 -23.63
C SER A 352 30.47 22.00 -23.30
N THR A 353 30.76 20.94 -22.54
CA THR A 353 32.15 20.56 -22.25
C THR A 353 32.39 19.12 -22.75
N THR A 354 31.82 18.81 -23.91
CA THR A 354 32.08 17.57 -24.63
C THR A 354 31.72 16.33 -23.82
N LEU A 355 30.43 16.13 -23.54
CA LEU A 355 29.96 14.91 -22.89
C LEU A 355 29.19 14.08 -23.91
N LEU A 356 28.67 12.95 -23.45
CA LEU A 356 27.93 11.98 -24.24
C LEU A 356 26.88 12.67 -25.10
N PRO A 357 26.60 12.14 -26.31
CA PRO A 357 25.62 12.79 -27.20
C PRO A 357 24.28 13.04 -26.55
N HIS A 358 23.66 12.00 -26.03
CA HIS A 358 22.38 12.13 -25.34
C HIS A 358 22.60 12.41 -23.86
N SER A 359 22.90 13.67 -23.51
CA SER A 359 23.14 14.02 -22.12
C SER A 359 22.35 15.26 -21.72
N GLY A 360 21.97 16.08 -22.71
CA GLY A 360 21.13 17.22 -22.41
C GLY A 360 19.80 16.81 -21.79
N ASP A 361 19.18 15.77 -22.35
CA ASP A 361 17.95 15.26 -21.76
C ASP A 361 18.19 14.57 -20.43
N ILE A 362 19.35 13.96 -20.23
CA ILE A 362 19.71 13.43 -18.91
C ILE A 362 19.66 14.55 -17.88
N ILE A 363 20.34 15.66 -18.17
CA ILE A 363 20.40 16.76 -17.22
C ILE A 363 19.02 17.39 -17.03
N ALA A 364 18.25 17.51 -18.12
CA ALA A 364 16.91 18.08 -17.99
C ALA A 364 16.02 17.23 -17.10
N THR A 365 16.05 15.90 -17.30
CA THR A 365 15.22 15.03 -16.48
C THR A 365 15.73 14.97 -15.04
N VAL A 366 17.03 15.19 -14.84
CA VAL A 366 17.56 15.19 -13.49
C VAL A 366 17.16 16.47 -12.75
N PHE A 367 17.11 17.61 -13.45
CA PHE A 367 16.88 18.88 -12.79
C PHE A 367 15.44 19.37 -12.84
N ALA A 368 14.54 18.68 -13.55
CA ALA A 368 13.14 19.11 -13.53
C ALA A 368 12.48 18.85 -12.18
N PRO A 369 12.55 17.65 -11.59
CA PRO A 369 12.00 17.48 -10.24
C PRO A 369 12.64 18.41 -9.22
N LEU A 370 13.90 18.78 -9.41
CA LEU A 370 14.53 19.75 -8.53
C LEU A 370 13.87 21.11 -8.66
N GLU A 371 13.48 21.50 -9.88
CA GLU A 371 12.74 22.74 -10.05
C GLU A 371 11.37 22.67 -9.36
N VAL A 372 10.69 21.53 -9.48
CA VAL A 372 9.44 21.38 -8.76
C VAL A 372 9.66 21.48 -7.25
N PHE A 373 10.79 20.99 -6.75
CA PHE A 373 11.10 21.14 -5.33
C PHE A 373 11.29 22.60 -4.97
N ARG A 374 11.97 23.37 -5.83
CA ARG A 374 12.11 24.80 -5.57
C ARG A 374 10.75 25.47 -5.48
N ARG A 375 9.82 25.11 -6.37
CA ARG A 375 8.50 25.70 -6.32
C ARG A 375 7.75 25.28 -5.06
N PHE A 376 7.97 24.05 -4.62
CA PHE A 376 7.47 23.60 -3.32
C PHE A 376 7.88 24.56 -2.21
N VAL A 377 9.19 24.77 -2.03
CA VAL A 377 9.66 25.63 -0.95
C VAL A 377 9.13 27.05 -1.14
N TRP A 378 9.10 27.53 -2.38
CA TRP A 378 8.63 28.89 -2.62
C TRP A 378 7.18 29.06 -2.15
N ASN A 379 6.31 28.11 -2.47
CA ASN A 379 4.94 28.17 -1.96
C ASN A 379 4.95 28.15 -0.44
N PHE A 380 5.72 27.21 0.12
CA PHE A 380 5.80 26.97 1.55
C PHE A 380 6.07 28.26 2.31
N PHE A 381 6.80 29.19 1.70
CA PHE A 381 7.06 30.48 2.32
C PHE A 381 6.20 31.64 1.83
N ARG A 382 5.73 31.58 0.58
CA ARG A 382 4.93 32.68 0.04
C ARG A 382 3.57 32.75 0.69
N LEU A 383 2.90 31.61 0.91
CA LEU A 383 1.61 31.69 1.58
C LEU A 383 1.75 32.27 2.98
N GLU A 384 2.84 31.92 3.67
CA GLU A 384 3.08 32.46 5.00
C GLU A 384 3.29 33.98 4.95
N ASN A 385 4.12 34.45 4.02
CA ASN A 385 4.33 35.89 3.92
C ASN A 385 3.05 36.62 3.52
N GLU A 386 2.21 35.99 2.70
CA GLU A 386 0.96 36.60 2.30
C GLU A 386 0.00 36.73 3.48
N HIS A 387 -0.07 35.69 4.30
CA HIS A 387 -0.89 35.79 5.51
C HIS A 387 -0.35 36.83 6.47
N LEU A 388 0.98 36.95 6.57
CA LEU A 388 1.54 37.88 7.55
C LEU A 388 1.43 39.33 7.10
N ASN A 389 2.11 39.68 6.01
CA ASN A 389 2.26 41.09 5.66
C ASN A 389 1.29 41.58 4.59
N ASN A 390 0.56 40.68 3.94
CA ASN A 390 -0.32 41.04 2.82
C ASN A 390 0.49 41.78 1.75
N CYS A 391 1.46 41.07 1.19
CA CYS A 391 2.36 41.67 0.22
C CYS A 391 1.60 42.13 -1.02
N GLY A 392 0.99 41.20 -1.75
CA GLY A 392 0.12 41.58 -2.83
C GLY A 392 -1.19 42.12 -2.29
N GLU A 393 -1.59 43.23 -2.85
CA GLU A 393 -2.79 43.89 -2.36
C GLU A 393 -4.00 43.11 -2.85
N PHE A 394 -4.24 41.93 -2.31
CA PHE A 394 -5.32 41.08 -2.77
C PHE A 394 -6.60 41.22 -1.96
N ARG A 395 -6.48 41.59 -0.68
CA ARG A 395 -7.65 41.72 0.18
C ARG A 395 -7.47 42.94 1.08
N ALA A 396 -8.58 43.37 1.68
CA ALA A 396 -8.62 44.52 2.56
C ALA A 396 -8.04 45.77 1.90
N PRO B 1 -6.24 5.30 16.29
CA PRO B 1 -5.86 6.69 16.00
C PRO B 1 -5.89 6.99 14.50
N ALA B 2 -4.87 7.69 14.01
CA ALA B 2 -4.73 7.99 12.60
C ALA B 2 -3.51 7.34 11.97
N TRP B 3 -2.36 7.38 12.65
CA TRP B 3 -1.17 6.73 12.11
C TRP B 3 -1.36 5.23 12.01
N THR B 4 -2.09 4.62 12.94
CA THR B 4 -2.37 3.19 12.83
C THR B 4 -3.20 2.90 11.59
N THR B 5 -4.19 3.73 11.30
CA THR B 5 -4.99 3.51 10.10
C THR B 5 -4.16 3.71 8.84
N PHE B 6 -3.28 4.70 8.83
CA PHE B 6 -2.42 4.88 7.67
C PHE B 6 -1.49 3.69 7.48
N ARG B 7 -0.99 3.11 8.57
CA ARG B 7 -0.13 1.95 8.43
C ARG B 7 -0.91 0.73 7.98
N VAL B 8 -2.15 0.58 8.44
CA VAL B 8 -3.02 -0.46 7.90
C VAL B 8 -3.12 -0.31 6.40
N GLY B 9 -3.34 0.92 5.93
CA GLY B 9 -3.42 1.15 4.49
C GLY B 9 -2.13 0.82 3.76
N LEU B 10 -1.01 1.27 4.30
CA LEU B 10 0.28 1.00 3.67
C LEU B 10 0.53 -0.49 3.54
N PHE B 11 0.35 -1.23 4.63
CA PHE B 11 0.64 -2.66 4.60
C PHE B 11 -0.36 -3.42 3.73
N CYS B 12 -1.63 -3.02 3.77
CA CYS B 12 -2.62 -3.68 2.91
C CYS B 12 -2.33 -3.44 1.44
N GLY B 13 -1.87 -2.24 1.09
CA GLY B 13 -1.54 -1.97 -0.30
C GLY B 13 -0.33 -2.74 -0.76
N ILE B 14 0.76 -2.67 0.01
CA ILE B 14 1.93 -3.46 -0.34
C ILE B 14 1.57 -4.94 -0.44
N PHE B 15 0.64 -5.40 0.40
CA PHE B 15 0.28 -6.82 0.39
C PHE B 15 -0.50 -7.18 -0.87
N ILE B 16 -1.49 -6.37 -1.25
CA ILE B 16 -2.29 -6.72 -2.42
C ILE B 16 -1.41 -6.72 -3.67
N VAL B 17 -0.50 -5.75 -3.79
CA VAL B 17 0.31 -5.74 -5.01
C VAL B 17 1.39 -6.82 -4.96
N LEU B 18 1.92 -7.15 -3.78
CA LEU B 18 2.81 -8.30 -3.69
C LEU B 18 2.11 -9.58 -4.08
N ASN B 19 0.82 -9.71 -3.73
CA ASN B 19 0.07 -10.89 -4.14
C ASN B 19 -0.11 -10.91 -5.65
N ILE B 20 -0.36 -9.77 -6.27
CA ILE B 20 -0.48 -9.74 -7.73
C ILE B 20 0.85 -10.14 -8.38
N THR B 21 1.95 -9.56 -7.89
CA THR B 21 3.27 -9.91 -8.42
C THR B 21 3.56 -11.39 -8.23
N LEU B 22 3.18 -11.94 -7.08
CA LEU B 22 3.44 -13.35 -6.79
C LEU B 22 2.62 -14.26 -7.70
N VAL B 23 1.34 -13.94 -7.91
CA VAL B 23 0.53 -14.72 -8.83
C VAL B 23 1.11 -14.68 -10.23
N LEU B 24 1.54 -13.49 -10.68
CA LEU B 24 2.10 -13.39 -12.03
C LEU B 24 3.38 -14.19 -12.15
N ALA B 25 4.27 -14.09 -11.16
CA ALA B 25 5.52 -14.83 -11.22
C ALA B 25 5.29 -16.33 -11.11
N ALA B 26 4.19 -16.74 -10.48
CA ALA B 26 3.90 -18.17 -10.38
C ALA B 26 3.31 -18.70 -11.67
N VAL B 27 2.49 -17.90 -12.37
CA VAL B 27 1.94 -18.36 -13.63
C VAL B 27 3.01 -18.37 -14.72
N PHE B 28 3.87 -17.37 -14.75
CA PHE B 28 4.82 -17.23 -15.86
C PHE B 28 6.15 -17.91 -15.57
N LYS B 29 6.86 -17.47 -14.53
CA LYS B 29 8.20 -17.97 -14.24
C LYS B 29 8.12 -19.21 -13.34
N LEU B 30 7.62 -20.28 -13.92
CA LEU B 30 7.44 -21.54 -13.19
C LEU B 30 7.94 -22.72 -14.03
N GLU B 31 9.16 -22.62 -14.54
CA GLU B 31 9.76 -23.75 -15.24
C GLU B 31 9.81 -24.96 -14.32
N THR B 32 10.63 -24.87 -13.26
CA THR B 32 10.60 -25.77 -12.11
C THR B 32 10.51 -27.24 -12.53
N ASP B 33 11.58 -27.70 -13.18
CA ASP B 33 11.71 -29.13 -13.45
C ASP B 33 11.60 -29.95 -12.17
N ARG B 34 12.19 -29.46 -11.09
CA ARG B 34 12.07 -30.09 -9.78
C ARG B 34 10.64 -29.97 -9.27
N SER B 35 10.35 -30.70 -8.21
CA SER B 35 9.03 -30.67 -7.60
C SER B 35 8.87 -29.39 -6.78
N ILE B 36 7.70 -28.76 -6.92
CA ILE B 36 7.41 -27.50 -6.23
C ILE B 36 6.73 -27.72 -4.89
N TRP B 37 6.37 -28.95 -4.57
CA TRP B 37 5.62 -29.24 -3.34
C TRP B 37 6.39 -28.92 -2.07
N PRO B 38 7.69 -29.21 -1.97
CA PRO B 38 8.44 -28.80 -0.77
C PRO B 38 8.53 -27.30 -0.56
N LEU B 39 7.89 -26.49 -1.40
CA LEU B 39 7.83 -25.04 -1.20
C LEU B 39 6.46 -24.58 -0.72
N ILE B 40 5.40 -24.97 -1.42
CA ILE B 40 4.07 -24.57 -0.97
C ILE B 40 3.71 -25.31 0.30
N ARG B 41 4.24 -26.52 0.49
CA ARG B 41 3.98 -27.22 1.73
C ARG B 41 4.63 -26.53 2.92
N ILE B 42 5.70 -25.78 2.70
CA ILE B 42 6.34 -25.05 3.78
C ILE B 42 5.72 -23.66 3.98
N TYR B 43 5.21 -23.04 2.92
CA TYR B 43 4.61 -21.72 3.04
C TYR B 43 3.13 -21.74 3.38
N ARG B 44 2.47 -22.90 3.31
CA ARG B 44 1.08 -22.99 3.74
C ARG B 44 0.92 -22.58 5.20
N GLY B 45 1.92 -22.82 6.03
CA GLY B 45 1.82 -22.43 7.43
C GLY B 45 1.75 -20.93 7.61
N GLY B 46 2.69 -20.21 7.01
CA GLY B 46 2.63 -18.76 7.06
C GLY B 46 1.34 -18.22 6.47
N PHE B 47 0.87 -18.83 5.39
CA PHE B 47 -0.35 -18.32 4.77
C PHE B 47 -1.56 -18.51 5.69
N LEU B 48 -1.67 -19.67 6.32
CA LEU B 48 -2.79 -19.89 7.23
C LEU B 48 -2.71 -18.95 8.43
N LEU B 49 -1.50 -18.70 8.94
CA LEU B 49 -1.38 -17.79 10.07
C LEU B 49 -1.80 -16.37 9.69
N ILE B 50 -1.36 -15.89 8.52
CA ILE B 50 -1.70 -14.53 8.11
C ILE B 50 -3.20 -14.40 7.84
N GLU B 51 -3.79 -15.39 7.19
CA GLU B 51 -5.23 -15.36 6.98
C GLU B 51 -5.96 -15.39 8.32
N PHE B 52 -5.47 -16.16 9.28
CA PHE B 52 -6.11 -16.21 10.57
C PHE B 52 -6.02 -14.87 11.28
N LEU B 53 -4.91 -14.16 11.13
CA LEU B 53 -4.81 -12.87 11.80
C LEU B 53 -5.68 -11.81 11.14
N PHE B 54 -5.79 -11.83 9.81
CA PHE B 54 -6.77 -10.97 9.15
C PHE B 54 -8.17 -11.24 9.68
N LEU B 55 -8.58 -12.51 9.71
CA LEU B 55 -9.93 -12.82 10.13
C LEU B 55 -10.14 -12.55 11.63
N LEU B 56 -9.07 -12.62 12.43
CA LEU B 56 -9.22 -12.24 13.82
C LEU B 56 -9.39 -10.73 13.97
N GLY B 57 -8.72 -9.96 13.12
CA GLY B 57 -9.00 -8.53 13.09
C GLY B 57 -10.46 -8.24 12.77
N ILE B 58 -10.98 -8.92 11.74
CA ILE B 58 -12.39 -8.73 11.39
C ILE B 58 -13.30 -9.18 12.53
N ASN B 59 -12.90 -10.23 13.24
CA ASN B 59 -13.67 -10.68 14.41
C ASN B 59 -13.70 -9.62 15.49
N THR B 60 -12.56 -9.01 15.77
CA THR B 60 -12.52 -7.97 16.80
C THR B 60 -13.38 -6.78 16.40
N TYR B 61 -13.35 -6.41 15.12
CA TYR B 61 -14.21 -5.34 14.65
C TYR B 61 -15.68 -5.68 14.85
N GLY B 62 -16.08 -6.88 14.42
CA GLY B 62 -17.47 -7.28 14.56
C GLY B 62 -17.92 -7.32 16.00
N TRP B 63 -17.06 -7.82 16.90
CA TRP B 63 -17.39 -7.81 18.31
C TRP B 63 -17.59 -6.39 18.82
N ARG B 64 -16.61 -5.52 18.60
CA ARG B 64 -16.67 -4.17 19.15
C ARG B 64 -17.86 -3.39 18.60
N GLN B 65 -18.24 -3.63 17.35
CA GLN B 65 -19.34 -2.85 16.78
C GLN B 65 -20.70 -3.43 17.14
N ALA B 66 -20.86 -4.74 17.07
CA ALA B 66 -22.18 -5.34 17.30
C ALA B 66 -22.66 -5.12 18.72
N GLY B 67 -21.74 -4.95 19.67
CA GLY B 67 -22.14 -4.72 21.04
C GLY B 67 -21.50 -5.66 22.03
N VAL B 68 -21.24 -6.90 21.60
CA VAL B 68 -20.58 -7.89 22.44
C VAL B 68 -19.18 -7.42 22.80
N ASN B 69 -18.95 -7.14 24.08
CA ASN B 69 -17.66 -6.63 24.54
C ASN B 69 -16.75 -7.80 24.87
N HIS B 70 -15.53 -7.77 24.34
CA HIS B 70 -14.53 -8.78 24.62
C HIS B 70 -13.45 -8.28 25.56
N VAL B 71 -13.62 -7.12 26.17
CA VAL B 71 -12.63 -6.62 27.11
C VAL B 71 -12.82 -7.28 28.47
N LEU B 72 -14.05 -7.65 28.81
CA LEU B 72 -14.31 -8.32 30.07
C LEU B 72 -14.21 -9.84 29.92
N ILE B 73 -14.73 -10.38 28.82
CA ILE B 73 -14.72 -11.82 28.61
C ILE B 73 -13.29 -12.34 28.57
N PHE B 74 -12.46 -11.74 27.72
CA PHE B 74 -11.09 -12.20 27.52
C PHE B 74 -10.17 -11.91 28.70
N GLU B 75 -10.69 -11.36 29.80
CA GLU B 75 -9.91 -10.96 30.95
C GLU B 75 -8.86 -9.90 30.62
N LEU B 76 -8.98 -9.23 29.48
CA LEU B 76 -8.11 -8.10 29.17
C LEU B 76 -8.43 -6.91 30.07
N ASN B 77 -7.67 -5.84 29.89
CA ASN B 77 -7.79 -4.59 30.62
C ASN B 77 -8.79 -3.67 29.94
N PRO B 78 -9.75 -3.10 30.69
CA PRO B 78 -10.77 -2.25 30.06
C PRO B 78 -10.19 -1.08 29.27
N ARG B 79 -8.99 -0.61 29.62
CA ARG B 79 -8.26 0.34 28.83
C ARG B 79 -7.02 -0.34 28.25
N SER B 80 -6.27 0.39 27.44
CA SER B 80 -5.12 -0.16 26.72
C SER B 80 -5.54 -1.39 25.92
N ASN B 81 -6.70 -1.31 25.28
CA ASN B 81 -7.22 -2.40 24.49
C ASN B 81 -6.42 -2.55 23.19
N LEU B 82 -6.82 -3.50 22.36
CA LEU B 82 -6.23 -3.73 21.05
C LEU B 82 -7.34 -3.68 20.02
N SER B 83 -7.49 -2.54 19.35
CA SER B 83 -8.51 -2.37 18.35
C SER B 83 -8.24 -3.30 17.17
N HIS B 84 -9.17 -3.32 16.20
CA HIS B 84 -9.01 -4.24 15.09
C HIS B 84 -7.96 -3.75 14.10
N GLN B 85 -7.73 -2.44 14.03
CA GLN B 85 -6.71 -1.93 13.12
C GLN B 85 -5.32 -2.44 13.49
N HIS B 86 -5.08 -2.68 14.78
CA HIS B 86 -3.78 -3.21 15.18
C HIS B 86 -3.58 -4.63 14.65
N LEU B 87 -4.60 -5.47 14.81
CA LEU B 87 -4.53 -6.81 14.24
C LEU B 87 -4.34 -6.75 12.73
N PHE B 88 -5.07 -5.84 12.07
CA PHE B 88 -4.93 -5.74 10.62
C PHE B 88 -3.51 -5.35 10.23
N GLU B 89 -2.89 -4.42 10.94
CA GLU B 89 -1.57 -3.98 10.52
C GLU B 89 -0.50 -5.02 10.83
N ILE B 90 -0.64 -5.74 11.95
CA ILE B 90 0.38 -6.75 12.26
C ILE B 90 0.24 -7.95 11.33
N ALA B 91 -1.00 -8.31 10.97
CA ALA B 91 -1.20 -9.35 9.98
C ALA B 91 -0.68 -8.92 8.62
N GLY B 92 -0.89 -7.65 8.25
CA GLY B 92 -0.33 -7.15 7.01
C GLY B 92 1.19 -7.18 7.01
N PHE B 93 1.81 -6.90 8.15
CA PHE B 93 3.26 -6.94 8.22
C PHE B 93 3.78 -8.36 8.04
N LEU B 94 3.19 -9.32 8.75
CA LEU B 94 3.57 -10.70 8.54
C LEU B 94 3.30 -11.14 7.10
N GLY B 95 2.27 -10.57 6.47
CA GLY B 95 2.00 -10.88 5.07
C GLY B 95 3.05 -10.31 4.14
N ILE B 96 3.53 -9.10 4.43
CA ILE B 96 4.61 -8.52 3.64
C ILE B 96 5.84 -9.41 3.75
N LEU B 97 6.16 -9.87 4.95
CA LEU B 97 7.32 -10.73 5.11
C LEU B 97 7.13 -12.07 4.39
N TRP B 98 5.92 -12.63 4.47
CA TRP B 98 5.66 -13.88 3.76
C TRP B 98 5.82 -13.71 2.26
N CYS B 99 5.23 -12.66 1.69
CA CYS B 99 5.32 -12.47 0.26
C CYS B 99 6.75 -12.18 -0.18
N LEU B 100 7.50 -11.43 0.61
CA LEU B 100 8.89 -11.18 0.25
C LEU B 100 9.71 -12.46 0.27
N SER B 101 9.51 -13.31 1.28
CA SER B 101 10.23 -14.58 1.32
C SER B 101 9.84 -15.47 0.14
N LEU B 102 8.56 -15.53 -0.19
CA LEU B 102 8.14 -16.38 -1.31
C LEU B 102 8.72 -15.86 -2.62
N LEU B 103 8.72 -14.54 -2.83
CA LEU B 103 9.32 -13.99 -4.04
C LEU B 103 10.80 -14.30 -4.09
N ALA B 104 11.51 -14.16 -2.97
CA ALA B 104 12.92 -14.53 -2.94
C ALA B 104 13.11 -16.00 -3.24
N CYS B 105 12.09 -16.83 -2.97
CA CYS B 105 12.18 -18.23 -3.37
C CYS B 105 11.91 -18.41 -4.86
N PHE B 106 11.09 -17.54 -5.46
CA PHE B 106 10.84 -17.66 -6.89
C PHE B 106 12.01 -17.14 -7.71
N PHE B 107 12.31 -15.85 -7.62
CA PHE B 107 13.53 -15.30 -8.19
C PHE B 107 14.61 -15.44 -7.14
N ALA B 108 15.72 -16.08 -7.50
CA ALA B 108 16.83 -16.10 -6.55
C ALA B 108 17.58 -14.79 -6.67
N PRO B 109 17.36 -13.83 -5.79
CA PRO B 109 17.98 -12.51 -5.96
C PRO B 109 19.48 -12.53 -5.70
N ILE B 110 19.88 -13.07 -4.56
CA ILE B 110 21.28 -13.14 -4.17
C ILE B 110 21.82 -14.50 -4.59
N SER B 111 23.00 -14.50 -5.21
CA SER B 111 23.52 -15.71 -5.84
C SER B 111 24.39 -16.56 -4.94
N VAL B 112 24.71 -16.09 -3.73
CA VAL B 112 25.60 -16.82 -2.84
C VAL B 112 24.82 -17.68 -1.84
N ILE B 113 23.68 -17.21 -1.37
CA ILE B 113 22.89 -17.99 -0.42
C ILE B 113 21.95 -18.91 -1.20
N PRO B 114 21.84 -20.18 -0.83
CA PRO B 114 20.92 -21.07 -1.54
C PRO B 114 19.48 -20.65 -1.29
N THR B 115 18.59 -21.17 -2.14
CA THR B 115 17.19 -20.78 -2.06
C THR B 115 16.43 -21.50 -0.96
N TYR B 116 17.10 -22.22 -0.06
CA TYR B 116 16.41 -22.84 1.06
C TYR B 116 16.52 -22.04 2.35
N VAL B 117 17.24 -20.91 2.33
CA VAL B 117 17.40 -20.11 3.53
C VAL B 117 16.28 -19.11 3.72
N TYR B 118 15.46 -18.88 2.70
CA TYR B 118 14.42 -17.88 2.83
C TYR B 118 13.26 -18.32 3.72
N PRO B 119 12.73 -19.55 3.61
CA PRO B 119 11.74 -19.99 4.60
C PRO B 119 12.29 -20.02 6.01
N LEU B 120 13.54 -20.49 6.16
CA LEU B 120 14.18 -20.49 7.48
C LEU B 120 14.24 -19.09 8.05
N ALA B 121 14.65 -18.10 7.24
CA ALA B 121 14.75 -16.74 7.73
C ALA B 121 13.38 -16.16 8.04
N LEU B 122 12.39 -16.44 7.19
CA LEU B 122 11.04 -15.94 7.43
C LEU B 122 10.51 -16.43 8.77
N TYR B 123 10.63 -17.73 9.04
CA TYR B 123 10.07 -18.25 10.28
C TYR B 123 10.94 -17.91 11.48
N GLY B 124 12.26 -17.79 11.31
CA GLY B 124 13.11 -17.29 12.37
C GLY B 124 12.72 -15.90 12.77
N PHE B 125 12.38 -15.05 11.79
CA PHE B 125 11.92 -13.72 12.12
C PHE B 125 10.54 -13.74 12.75
N MET B 126 9.64 -14.61 12.27
CA MET B 126 8.33 -14.70 12.89
C MET B 126 8.43 -15.15 14.33
N VAL B 127 9.46 -15.91 14.69
CA VAL B 127 9.65 -16.30 16.08
C VAL B 127 10.34 -15.19 16.87
N PHE B 128 11.33 -14.52 16.27
CA PHE B 128 12.03 -13.45 16.98
C PHE B 128 11.11 -12.27 17.27
N PHE B 129 10.22 -11.93 16.33
CA PHE B 129 9.25 -10.87 16.54
C PHE B 129 8.29 -11.19 17.67
N LEU B 130 8.21 -12.45 18.09
CA LEU B 130 7.32 -12.89 19.17
C LEU B 130 8.04 -13.09 20.49
N ILE B 131 9.34 -13.37 20.47
CA ILE B 131 10.11 -13.56 21.69
C ILE B 131 10.96 -12.31 21.98
N ASN B 132 10.77 -11.26 21.19
CA ASN B 132 11.50 -10.00 21.28
C ASN B 132 11.55 -9.49 22.72
N PRO B 133 12.72 -9.48 23.35
CA PRO B 133 12.82 -9.08 24.75
C PRO B 133 12.99 -7.59 24.97
N THR B 134 12.80 -6.76 23.95
CA THR B 134 12.90 -5.32 24.12
C THR B 134 11.60 -4.79 24.73
N LYS B 135 11.45 -3.48 24.72
CA LYS B 135 10.23 -2.83 25.17
C LYS B 135 9.48 -2.21 24.00
N THR B 136 9.51 -2.88 22.85
CA THR B 136 8.94 -2.36 21.63
C THR B 136 8.11 -3.44 20.93
N PHE B 137 7.40 -3.01 19.88
CA PHE B 137 6.61 -3.89 19.03
C PHE B 137 5.56 -4.66 19.83
N TYR B 138 4.63 -3.89 20.38
CA TYR B 138 3.47 -4.42 21.10
C TYR B 138 3.91 -5.19 22.35
N TYR B 139 4.77 -4.56 23.14
CA TYR B 139 5.36 -5.23 24.29
C TYR B 139 4.31 -5.86 25.19
N LYS B 140 3.35 -5.07 25.67
CA LYS B 140 2.35 -5.59 26.61
C LYS B 140 1.52 -6.70 25.98
N SER B 141 0.94 -6.46 24.81
CA SER B 141 0.05 -7.44 24.21
C SER B 141 0.80 -8.69 23.80
N ARG B 142 2.00 -8.54 23.26
CA ARG B 142 2.77 -9.72 22.85
C ARG B 142 3.18 -10.55 24.05
N PHE B 143 3.54 -9.91 25.16
CA PHE B 143 3.89 -10.72 26.33
C PHE B 143 2.66 -11.32 26.99
N TRP B 144 1.49 -10.68 26.85
CA TRP B 144 0.27 -11.35 27.26
C TRP B 144 0.04 -12.60 26.43
N LEU B 145 0.29 -12.51 25.12
CA LEU B 145 0.16 -13.69 24.27
C LEU B 145 1.16 -14.77 24.66
N LEU B 146 2.38 -14.38 25.05
CA LEU B 146 3.35 -15.38 25.52
C LEU B 146 2.88 -16.05 26.79
N LYS B 147 2.39 -15.26 27.76
CA LYS B 147 1.88 -15.85 28.99
C LYS B 147 0.73 -16.81 28.69
N LEU B 148 -0.15 -16.42 27.77
CA LEU B 148 -1.27 -17.29 27.41
C LEU B 148 -0.79 -18.57 26.73
N LEU B 149 0.18 -18.46 25.83
CA LEU B 149 0.68 -19.65 25.16
C LEU B 149 1.37 -20.59 26.13
N PHE B 150 2.08 -20.04 27.11
CA PHE B 150 2.74 -20.89 28.10
C PHE B 150 1.72 -21.53 29.03
N ARG B 151 0.64 -20.83 29.37
CA ARG B 151 -0.37 -21.41 30.24
C ARG B 151 -1.31 -22.35 29.50
N VAL B 152 -1.34 -22.31 28.16
CA VAL B 152 -2.18 -23.24 27.43
C VAL B 152 -1.42 -24.46 26.96
N PHE B 153 -0.13 -24.33 26.64
CA PHE B 153 0.63 -25.48 26.18
C PHE B 153 1.05 -26.39 27.32
N THR B 154 1.03 -25.90 28.56
CA THR B 154 1.24 -26.71 29.75
C THR B 154 -0.09 -26.92 30.48
N ALA B 155 -1.15 -27.15 29.69
CA ALA B 155 -2.56 -27.08 30.09
C ALA B 155 -2.88 -27.67 31.45
N PRO B 156 -2.61 -28.96 31.72
CA PRO B 156 -3.13 -29.54 32.96
C PRO B 156 -2.33 -29.17 34.19
N PHE B 157 -1.96 -27.89 34.30
CA PHE B 157 -1.31 -27.39 35.51
C PHE B 157 -1.75 -25.98 35.87
N HIS B 158 -2.81 -25.46 35.25
CA HIS B 158 -3.27 -24.10 35.53
C HIS B 158 -4.79 -24.07 35.48
N LYS B 159 -5.36 -23.06 36.14
CA LYS B 159 -6.79 -22.84 36.10
C LYS B 159 -7.21 -22.38 34.71
N VAL B 160 -8.36 -22.86 34.25
CA VAL B 160 -8.83 -22.56 32.91
C VAL B 160 -9.55 -21.22 32.90
N GLY B 161 -8.96 -20.24 32.22
CA GLY B 161 -9.65 -19.00 31.91
C GLY B 161 -10.27 -19.07 30.53
N PHE B 162 -10.96 -18.00 30.15
CA PHE B 162 -11.55 -17.99 28.82
C PHE B 162 -10.50 -17.82 27.74
N ALA B 163 -9.43 -17.08 28.02
CA ALA B 163 -8.38 -16.93 27.02
C ALA B 163 -7.68 -18.26 26.76
N ASP B 164 -7.43 -19.03 27.82
CA ASP B 164 -6.84 -20.36 27.66
C ASP B 164 -7.69 -21.23 26.75
N PHE B 165 -8.97 -21.37 27.07
CA PHE B 165 -9.88 -22.16 26.26
C PHE B 165 -9.92 -21.67 24.83
N TRP B 166 -10.01 -20.35 24.65
CA TRP B 166 -10.17 -19.82 23.31
C TRP B 166 -8.93 -20.07 22.46
N LEU B 167 -7.75 -19.87 23.02
CA LEU B 167 -6.54 -20.14 22.23
C LEU B 167 -6.35 -21.62 22.01
N ALA B 168 -6.74 -22.47 22.96
CA ALA B 168 -6.67 -23.91 22.72
C ALA B 168 -7.59 -24.30 21.57
N ASP B 169 -8.75 -23.65 21.47
CA ASP B 169 -9.66 -23.96 20.37
C ASP B 169 -9.10 -23.46 19.04
N GLN B 170 -8.55 -22.25 19.02
CA GLN B 170 -7.92 -21.75 17.80
C GLN B 170 -6.82 -22.69 17.33
N LEU B 171 -5.96 -23.12 18.24
CA LEU B 171 -4.92 -24.08 17.87
C LEU B 171 -5.53 -25.40 17.42
N ASN B 172 -6.69 -25.74 17.96
CA ASN B 172 -7.38 -26.95 17.51
C ASN B 172 -7.89 -26.80 16.09
N SER B 173 -8.10 -25.58 15.63
CA SER B 173 -8.48 -25.40 14.24
C SER B 173 -7.30 -25.20 13.31
N LEU B 174 -6.21 -24.63 13.78
CA LEU B 174 -5.02 -24.39 12.95
C LEU B 174 -4.02 -25.54 13.10
N SER B 175 -4.45 -26.77 12.91
CA SER B 175 -3.53 -27.89 13.04
C SER B 175 -2.59 -27.99 11.86
N VAL B 176 -2.99 -27.43 10.71
CA VAL B 176 -2.14 -27.49 9.53
C VAL B 176 -0.88 -26.66 9.71
N ILE B 177 -0.92 -25.60 10.51
CA ILE B 177 0.29 -24.83 10.77
C ILE B 177 1.30 -25.65 11.56
N LEU B 178 0.83 -26.39 12.57
CA LEU B 178 1.75 -27.24 13.33
C LEU B 178 2.29 -28.36 12.46
N MET B 179 1.44 -28.96 11.62
CA MET B 179 1.93 -29.97 10.68
C MET B 179 2.98 -29.37 9.76
N ASP B 180 2.73 -28.15 9.26
CA ASP B 180 3.70 -27.45 8.43
C ASP B 180 5.03 -27.24 9.13
N LEU B 181 5.01 -26.81 10.38
CA LEU B 181 6.25 -26.48 11.07
C LEU B 181 7.05 -27.75 11.37
N GLU B 182 6.37 -28.81 11.81
CA GLU B 182 7.09 -30.06 12.01
C GLU B 182 7.63 -30.61 10.69
N TYR B 183 6.90 -30.39 9.59
CA TYR B 183 7.40 -30.83 8.29
C TYR B 183 8.61 -30.03 7.86
N MET B 184 8.62 -28.73 8.14
CA MET B 184 9.81 -27.93 7.83
C MET B 184 11.01 -28.42 8.63
N ILE B 185 10.80 -28.75 9.91
CA ILE B 185 11.90 -29.31 10.71
C ILE B 185 12.40 -30.60 10.08
N CYS B 186 11.48 -31.53 9.78
CA CYS B 186 11.87 -32.80 9.18
C CYS B 186 12.61 -32.59 7.87
N PHE B 187 12.14 -31.66 7.03
CA PHE B 187 12.76 -31.44 5.73
C PHE B 187 14.17 -30.89 5.89
N TYR B 188 14.30 -29.76 6.60
CA TYR B 188 15.62 -29.17 6.77
C TYR B 188 16.57 -30.08 7.53
N SER B 189 16.05 -31.12 8.20
CA SER B 189 16.91 -32.13 8.78
C SER B 189 17.25 -33.26 7.80
N LEU B 190 16.45 -33.44 6.74
CA LEU B 190 16.58 -34.57 5.83
C LEU B 190 16.54 -34.11 4.37
N GLU B 191 17.33 -33.10 4.03
CA GLU B 191 17.40 -32.64 2.64
C GLU B 191 18.81 -32.13 2.36
N LEU B 192 19.27 -32.36 1.13
CA LEU B 192 20.62 -31.95 0.75
C LEU B 192 20.76 -30.43 0.81
N LYS B 193 21.88 -29.95 1.32
CA LYS B 193 22.08 -28.54 1.63
C LYS B 193 23.08 -27.88 0.67
N TRP B 194 23.02 -28.23 -0.61
CA TRP B 194 23.99 -27.67 -1.54
C TRP B 194 23.48 -26.43 -2.27
N ASP B 195 22.45 -26.58 -3.10
CA ASP B 195 22.03 -25.42 -3.90
C ASP B 195 20.53 -25.25 -4.13
N GLU B 196 19.67 -26.16 -3.70
CA GLU B 196 18.29 -26.10 -4.15
C GLU B 196 17.35 -26.67 -3.09
N SER B 197 16.05 -26.54 -3.35
CA SER B 197 14.99 -27.05 -2.49
C SER B 197 15.08 -26.51 -1.07
N GLY B 209 10.24 -39.28 0.32
CA GLY B 209 10.87 -38.80 1.53
C GLY B 209 10.34 -39.47 2.79
N ILE B 210 11.07 -39.29 3.90
CA ILE B 210 10.65 -39.91 5.15
C ILE B 210 9.33 -39.30 5.62
N CYS B 211 9.31 -38.00 5.88
CA CYS B 211 8.07 -37.31 6.20
C CYS B 211 7.34 -37.01 4.89
N HIS B 212 6.30 -36.15 4.96
CA HIS B 212 5.26 -36.01 3.95
C HIS B 212 4.30 -37.20 4.06
N LYS B 213 4.66 -38.17 4.90
CA LYS B 213 3.83 -39.33 5.17
C LYS B 213 3.73 -39.52 6.68
N TYR B 214 2.80 -40.39 7.09
CA TYR B 214 2.58 -40.69 8.50
C TYR B 214 3.43 -41.87 8.97
N THR B 215 4.59 -42.09 8.36
CA THR B 215 5.34 -43.32 8.57
C THR B 215 5.78 -43.48 10.02
N TYR B 216 6.56 -42.53 10.53
CA TYR B 216 7.14 -42.66 11.86
C TYR B 216 6.24 -42.05 12.94
N GLY B 217 4.97 -41.83 12.63
CA GLY B 217 4.00 -41.41 13.63
C GLY B 217 4.13 -39.97 14.10
N VAL B 218 5.14 -39.23 13.64
CA VAL B 218 5.28 -37.85 14.08
C VAL B 218 4.14 -37.00 13.56
N ARG B 219 3.65 -37.30 12.36
CA ARG B 219 2.51 -36.55 11.84
C ARG B 219 1.28 -36.73 12.71
N ALA B 220 1.03 -37.95 13.18
CA ALA B 220 -0.12 -38.18 14.04
C ALA B 220 -0.02 -37.37 15.33
N ILE B 221 1.15 -37.42 15.97
CA ILE B 221 1.34 -36.69 17.23
C ILE B 221 1.16 -35.20 17.00
N VAL B 222 1.75 -34.65 15.94
CA VAL B 222 1.67 -33.21 15.71
C VAL B 222 0.25 -32.81 15.37
N GLN B 223 -0.46 -33.63 14.59
CA GLN B 223 -1.82 -33.27 14.21
C GLN B 223 -2.78 -33.39 15.38
N CYS B 224 -2.48 -34.26 16.34
CA CYS B 224 -3.37 -34.44 17.47
C CYS B 224 -2.98 -33.65 18.71
N ILE B 225 -1.83 -32.97 18.70
CA ILE B 225 -1.39 -32.25 19.90
C ILE B 225 -2.32 -31.08 20.25
N PRO B 226 -3.00 -30.40 19.32
CA PRO B 226 -3.99 -29.41 19.78
C PRO B 226 -5.24 -30.05 20.33
N ALA B 227 -5.67 -31.16 19.74
CA ALA B 227 -6.75 -31.94 20.33
C ALA B 227 -6.37 -32.40 21.73
N TRP B 228 -5.11 -32.79 21.92
CA TRP B 228 -4.65 -33.17 23.26
C TRP B 228 -4.67 -31.99 24.21
N LEU B 229 -4.20 -30.82 23.74
CA LEU B 229 -4.27 -29.61 24.55
C LEU B 229 -5.68 -29.39 25.06
N ARG B 230 -6.65 -29.33 24.14
CA ARG B 230 -8.01 -29.02 24.55
C ARG B 230 -8.63 -30.12 25.38
N PHE B 231 -8.30 -31.39 25.10
CA PHE B 231 -8.85 -32.49 25.86
C PHE B 231 -8.37 -32.45 27.31
N ILE B 232 -7.05 -32.34 27.52
CA ILE B 232 -6.55 -32.29 28.87
C ILE B 232 -6.97 -31.01 29.56
N GLN B 233 -7.23 -29.95 28.79
CA GLN B 233 -7.69 -28.71 29.39
C GLN B 233 -9.11 -28.85 29.93
N CYS B 234 -10.00 -29.44 29.13
CA CYS B 234 -11.36 -29.64 29.63
C CYS B 234 -11.38 -30.67 30.75
N LEU B 235 -10.45 -31.63 30.75
CA LEU B 235 -10.37 -32.54 31.88
C LEU B 235 -9.91 -31.79 33.14
N ARG B 236 -8.95 -30.88 33.00
CA ARG B 236 -8.54 -30.07 34.14
C ARG B 236 -9.70 -29.22 34.66
N ARG B 237 -10.52 -28.70 33.75
CA ARG B 237 -11.69 -27.93 34.18
C ARG B 237 -12.69 -28.81 34.90
N TYR B 238 -12.89 -30.03 34.41
CA TYR B 238 -13.79 -30.96 35.10
C TYR B 238 -13.27 -31.34 36.47
N ARG B 239 -11.95 -31.39 36.64
CA ARG B 239 -11.39 -31.65 37.97
C ARG B 239 -11.54 -30.43 38.87
N ASP B 240 -11.39 -29.24 38.31
CA ASP B 240 -11.56 -28.01 39.09
C ASP B 240 -12.99 -27.90 39.62
N THR B 241 -13.95 -27.82 38.71
CA THR B 241 -15.36 -27.83 39.12
C THR B 241 -15.78 -29.27 39.38
N LYS B 242 -17.08 -29.49 39.57
CA LYS B 242 -17.63 -30.85 39.61
C LYS B 242 -18.94 -30.83 38.84
N ARG B 243 -18.87 -31.01 37.53
CA ARG B 243 -20.02 -31.04 36.66
C ARG B 243 -19.64 -31.84 35.41
N ALA B 244 -20.51 -32.73 35.00
CA ALA B 244 -20.19 -33.65 33.92
C ALA B 244 -20.83 -33.32 32.59
N PHE B 245 -21.80 -32.39 32.56
CA PHE B 245 -22.46 -32.17 31.27
C PHE B 245 -21.52 -31.45 30.30
N PRO B 246 -21.16 -30.17 30.51
CA PRO B 246 -20.29 -29.53 29.52
C PRO B 246 -18.81 -29.69 29.79
N HIS B 247 -18.37 -30.86 30.26
CA HIS B 247 -16.94 -31.09 30.38
C HIS B 247 -16.52 -32.40 29.70
N LEU B 248 -17.20 -33.49 30.02
CA LEU B 248 -16.84 -34.79 29.46
C LEU B 248 -17.49 -35.02 28.11
N VAL B 249 -18.74 -34.56 27.94
CA VAL B 249 -19.33 -34.52 26.61
C VAL B 249 -18.48 -33.65 25.70
N ASN B 250 -17.77 -32.67 26.28
CA ASN B 250 -16.82 -31.89 25.50
C ASN B 250 -15.53 -32.64 25.24
N ALA B 251 -15.07 -33.44 26.22
CA ALA B 251 -13.85 -34.22 26.01
C ALA B 251 -14.04 -35.28 24.92
N GLY B 252 -15.27 -35.78 24.78
CA GLY B 252 -15.54 -36.73 23.71
C GLY B 252 -15.29 -36.15 22.34
N LYS B 253 -15.61 -34.86 22.14
CA LYS B 253 -15.44 -34.24 20.84
C LYS B 253 -13.98 -34.25 20.40
N TYR B 254 -13.05 -34.12 21.34
CA TYR B 254 -11.64 -34.15 21.00
C TYR B 254 -11.04 -35.53 21.11
N SER B 255 -11.73 -36.47 21.76
CA SER B 255 -11.33 -37.87 21.65
C SER B 255 -11.61 -38.43 20.26
N THR B 256 -12.70 -37.96 19.64
CA THR B 256 -12.97 -38.39 18.27
C THR B 256 -11.86 -37.95 17.31
N THR B 257 -11.26 -36.78 17.54
CA THR B 257 -10.13 -36.37 16.71
C THR B 257 -8.93 -37.27 16.91
N PHE B 258 -8.64 -37.65 18.15
CA PHE B 258 -7.62 -38.67 18.42
C PHE B 258 -7.86 -39.90 17.57
N PHE B 259 -9.07 -40.44 17.65
CA PHE B 259 -9.36 -41.69 16.95
C PHE B 259 -9.28 -41.52 15.45
N MET B 260 -9.78 -40.41 14.92
CA MET B 260 -9.75 -40.18 13.48
C MET B 260 -8.32 -40.11 12.98
N VAL B 261 -7.46 -39.37 13.69
CA VAL B 261 -6.07 -39.27 13.26
C VAL B 261 -5.37 -40.62 13.35
N THR B 262 -5.58 -41.36 14.45
CA THR B 262 -4.94 -42.66 14.57
C THR B 262 -5.35 -43.58 13.42
N PHE B 263 -6.66 -43.69 13.16
CA PHE B 263 -7.10 -44.58 12.11
C PHE B 263 -6.68 -44.11 10.72
N ALA B 264 -6.66 -42.81 10.47
CA ALA B 264 -6.16 -42.33 9.19
C ALA B 264 -4.67 -42.66 9.00
N ALA B 265 -3.89 -42.54 10.07
CA ALA B 265 -2.47 -42.88 9.97
C ALA B 265 -2.28 -44.37 9.69
N LEU B 266 -3.02 -45.22 10.41
CA LEU B 266 -2.92 -46.65 10.14
C LEU B 266 -3.35 -47.00 8.72
N TYR B 267 -4.43 -46.39 8.24
CA TYR B 267 -4.87 -46.65 6.88
C TYR B 267 -3.85 -46.20 5.86
N SER B 268 -3.26 -45.02 6.07
CA SER B 268 -2.27 -44.52 5.11
C SER B 268 -1.03 -45.40 5.09
N THR B 269 -0.52 -45.79 6.25
CA THR B 269 0.67 -46.63 6.27
C THR B 269 0.38 -48.01 5.69
N HIS B 270 -0.84 -48.54 5.90
CA HIS B 270 -1.15 -49.84 5.34
C HIS B 270 -1.38 -49.77 3.84
N LYS B 271 -1.91 -48.64 3.34
CA LYS B 271 -2.04 -48.47 1.90
C LYS B 271 -0.67 -48.33 1.25
N GLU B 272 0.26 -47.65 1.93
CA GLU B 272 1.63 -47.58 1.41
C GLU B 272 2.26 -48.97 1.39
N ARG B 273 2.11 -49.74 2.47
CA ARG B 273 2.59 -51.11 2.49
C ARG B 273 1.68 -52.08 1.73
N GLY B 274 0.51 -51.63 1.32
CA GLY B 274 -0.36 -52.44 0.48
C GLY B 274 -0.92 -53.68 1.14
N HIS B 275 -0.98 -53.72 2.47
CA HIS B 275 -1.50 -54.88 3.15
C HIS B 275 -3.00 -55.00 2.94
N SER B 276 -3.53 -56.19 3.29
CA SER B 276 -4.95 -56.43 3.18
C SER B 276 -5.77 -55.77 4.29
N ASP B 277 -5.10 -55.18 5.28
CA ASP B 277 -5.78 -54.48 6.36
C ASP B 277 -6.08 -53.03 6.01
N THR B 278 -6.03 -52.67 4.72
CA THR B 278 -6.21 -51.27 4.33
C THR B 278 -7.68 -50.90 4.26
N MET B 279 -8.52 -51.78 3.72
CA MET B 279 -9.93 -51.43 3.52
C MET B 279 -10.68 -51.31 4.83
N VAL B 280 -10.40 -52.19 5.79
CA VAL B 280 -11.08 -52.12 7.08
C VAL B 280 -10.69 -50.84 7.81
N PHE B 281 -9.41 -50.48 7.78
CA PHE B 281 -8.99 -49.24 8.41
C PHE B 281 -9.55 -48.03 7.68
N PHE B 282 -9.71 -48.10 6.36
CA PHE B 282 -10.32 -47.00 5.63
C PHE B 282 -11.78 -46.83 6.03
N TYR B 283 -12.51 -47.93 6.16
CA TYR B 283 -13.90 -47.84 6.60
C TYR B 283 -14.01 -47.32 8.02
N LEU B 284 -13.09 -47.73 8.89
CA LEU B 284 -13.14 -47.24 10.27
C LEU B 284 -12.78 -45.77 10.35
N TRP B 285 -11.84 -45.31 9.52
CA TRP B 285 -11.55 -43.89 9.42
C TRP B 285 -12.76 -43.12 8.92
N ILE B 286 -13.45 -43.68 7.91
CA ILE B 286 -14.67 -43.05 7.41
C ILE B 286 -15.68 -42.86 8.53
N VAL B 287 -15.99 -43.95 9.24
CA VAL B 287 -17.05 -43.87 10.26
C VAL B 287 -16.62 -43.00 11.43
N PHE B 288 -15.32 -42.98 11.77
CA PHE B 288 -14.90 -42.16 12.89
C PHE B 288 -14.86 -40.68 12.53
N TYR B 289 -14.50 -40.33 11.29
CA TYR B 289 -14.64 -38.93 10.93
C TYR B 289 -16.11 -38.53 10.83
N ILE B 290 -16.97 -39.46 10.43
CA ILE B 290 -18.40 -39.18 10.39
C ILE B 290 -18.93 -38.85 11.78
N ILE B 291 -18.58 -39.69 12.77
CA ILE B 291 -19.07 -39.43 14.12
C ILE B 291 -18.43 -38.19 14.70
N SER B 292 -17.15 -37.92 14.38
CA SER B 292 -16.51 -36.70 14.86
C SER B 292 -17.17 -35.45 14.27
N SER B 293 -17.45 -35.47 12.97
CA SER B 293 -18.07 -34.32 12.33
C SER B 293 -19.49 -34.09 12.85
N CYS B 294 -20.29 -35.15 12.97
CA CYS B 294 -21.62 -35.00 13.52
C CYS B 294 -21.56 -34.49 14.96
N TYR B 295 -20.62 -35.01 15.75
CA TYR B 295 -20.46 -34.58 17.13
C TYR B 295 -20.13 -33.10 17.22
N THR B 296 -19.10 -32.66 16.49
CA THR B 296 -18.71 -31.27 16.58
C THR B 296 -19.74 -30.35 15.95
N LEU B 297 -20.49 -30.82 14.95
CA LEU B 297 -21.54 -30.00 14.38
C LEU B 297 -22.68 -29.79 15.37
N ILE B 298 -23.15 -30.88 15.99
CA ILE B 298 -24.20 -30.77 16.99
C ILE B 298 -23.74 -29.88 18.13
N TRP B 299 -22.51 -30.07 18.60
CA TRP B 299 -22.00 -29.27 19.71
C TRP B 299 -21.96 -27.79 19.35
N ASP B 300 -21.39 -27.47 18.18
CA ASP B 300 -21.31 -26.08 17.76
C ASP B 300 -22.69 -25.46 17.62
N LEU B 301 -23.65 -26.20 17.06
CA LEU B 301 -24.97 -25.63 16.85
C LEU B 301 -25.79 -25.55 18.13
N LYS B 302 -25.44 -26.32 19.15
CA LYS B 302 -26.24 -26.36 20.37
C LYS B 302 -25.66 -25.50 21.49
N MET B 303 -24.41 -25.75 21.88
CA MET B 303 -23.85 -25.10 23.06
C MET B 303 -22.92 -23.93 22.71
N ASP B 304 -21.93 -24.16 21.85
CA ASP B 304 -20.99 -23.09 21.54
C ASP B 304 -21.63 -21.93 20.79
N TRP B 305 -22.85 -22.11 20.29
CA TRP B 305 -23.58 -21.01 19.67
C TRP B 305 -24.90 -20.70 20.35
N GLY B 306 -25.46 -21.64 21.13
CA GLY B 306 -26.74 -21.43 21.76
C GLY B 306 -27.94 -21.43 20.84
N LEU B 307 -27.74 -21.71 19.56
CA LEU B 307 -28.83 -21.67 18.59
C LEU B 307 -29.82 -22.79 18.86
N PHE B 308 -30.88 -22.83 18.05
CA PHE B 308 -31.93 -23.84 18.16
C PHE B 308 -32.54 -23.84 19.56
N ASP B 309 -32.80 -22.65 20.10
CA ASP B 309 -33.30 -22.55 21.45
C ASP B 309 -34.70 -23.13 21.57
N LYS B 310 -35.06 -23.54 22.80
CA LYS B 310 -36.37 -24.12 23.02
C LYS B 310 -37.48 -23.08 23.01
N ASN B 311 -37.19 -21.85 23.45
CA ASN B 311 -38.13 -20.74 23.40
C ASN B 311 -37.46 -19.57 22.71
N ALA B 312 -37.53 -19.56 21.38
CA ALA B 312 -36.92 -18.52 20.57
C ALA B 312 -37.92 -17.46 20.11
N GLY B 313 -39.22 -17.67 20.32
CA GLY B 313 -40.18 -16.65 19.96
C GLY B 313 -40.37 -16.54 18.47
N GLU B 314 -40.43 -15.29 17.98
CA GLU B 314 -40.62 -15.06 16.55
C GLU B 314 -39.43 -15.56 15.74
N ASN B 315 -38.23 -15.51 16.32
CA ASN B 315 -37.04 -16.07 15.66
C ASN B 315 -37.24 -17.58 15.50
N THR B 316 -37.27 -18.06 14.26
CA THR B 316 -37.61 -19.45 14.00
C THR B 316 -36.59 -20.39 14.62
N PHE B 317 -35.33 -20.33 14.16
CA PHE B 317 -34.26 -21.16 14.68
C PHE B 317 -33.12 -20.26 15.10
N LEU B 318 -33.20 -19.73 16.33
CA LEU B 318 -32.21 -18.85 16.90
C LEU B 318 -32.36 -18.88 18.42
N ARG B 319 -31.74 -17.92 19.09
CA ARG B 319 -31.91 -17.76 20.53
C ARG B 319 -33.21 -16.99 20.78
N GLU B 320 -33.41 -16.56 22.03
CA GLU B 320 -34.54 -15.69 22.34
C GLU B 320 -34.22 -14.24 22.00
N GLU B 321 -32.95 -13.85 22.11
CA GLU B 321 -32.48 -12.55 21.68
C GLU B 321 -31.25 -12.71 20.80
N ILE B 322 -30.94 -11.67 20.03
CA ILE B 322 -29.83 -11.69 19.10
C ILE B 322 -29.14 -10.34 19.13
N VAL B 323 -27.92 -10.31 18.62
CA VAL B 323 -27.10 -9.10 18.59
C VAL B 323 -26.81 -8.65 17.17
N TYR B 324 -26.51 -9.58 16.27
CA TYR B 324 -26.20 -9.21 14.90
C TYR B 324 -27.49 -8.86 14.16
N PRO B 325 -27.55 -7.70 13.50
CA PRO B 325 -28.84 -7.19 13.03
C PRO B 325 -29.54 -8.07 12.01
N GLN B 326 -28.88 -8.36 10.89
CA GLN B 326 -29.52 -9.10 9.81
C GLN B 326 -29.68 -10.56 10.23
N LYS B 327 -30.93 -11.00 10.36
CA LYS B 327 -31.20 -12.36 10.79
C LYS B 327 -30.69 -13.39 9.79
N ALA B 328 -30.48 -12.99 8.54
CA ALA B 328 -29.95 -13.91 7.54
C ALA B 328 -28.51 -14.31 7.82
N TYR B 329 -27.77 -13.48 8.56
CA TYR B 329 -26.41 -13.83 8.93
C TYR B 329 -26.35 -15.19 9.63
N TYR B 330 -27.29 -15.43 10.54
CA TYR B 330 -27.26 -16.66 11.32
C TYR B 330 -27.56 -17.88 10.46
N TYR B 331 -28.51 -17.77 9.55
CA TYR B 331 -28.80 -18.89 8.66
C TYR B 331 -27.64 -19.14 7.71
N CYS B 332 -27.02 -18.08 7.22
CA CYS B 332 -25.81 -18.23 6.41
C CYS B 332 -24.71 -18.93 7.21
N ALA B 333 -24.60 -18.60 8.51
CA ALA B 333 -23.57 -19.23 9.33
C ALA B 333 -23.87 -20.70 9.55
N ILE B 334 -25.14 -21.06 9.76
CA ILE B 334 -25.50 -22.47 9.91
C ILE B 334 -25.16 -23.24 8.64
N ILE B 335 -25.52 -22.69 7.48
CA ILE B 335 -25.23 -23.37 6.23
C ILE B 335 -23.72 -23.48 6.01
N GLU B 336 -22.98 -22.42 6.32
CA GLU B 336 -21.54 -22.44 6.12
C GLU B 336 -20.85 -23.38 7.09
N ASP B 337 -21.39 -23.56 8.29
CA ASP B 337 -20.78 -24.47 9.23
C ASP B 337 -21.16 -25.92 8.97
N VAL B 338 -22.29 -26.16 8.29
CA VAL B 338 -22.60 -27.53 7.91
C VAL B 338 -21.96 -27.88 6.56
N ILE B 339 -21.51 -26.90 5.79
CA ILE B 339 -20.83 -27.16 4.52
C ILE B 339 -19.32 -27.22 4.71
N LEU B 340 -18.72 -26.22 5.36
CA LEU B 340 -17.29 -26.21 5.58
C LEU B 340 -16.84 -27.44 6.34
N LEU B 341 -17.34 -27.61 7.56
CA LEU B 341 -17.33 -28.94 8.15
C LEU B 341 -18.17 -29.86 7.27
N PHE B 342 -17.73 -31.12 7.17
CA PHE B 342 -18.21 -32.14 6.23
C PHE B 342 -17.65 -31.96 4.84
N ALA B 343 -16.72 -31.02 4.62
CA ALA B 343 -16.06 -30.93 3.31
C ALA B 343 -15.04 -32.02 3.09
N TRP B 344 -14.72 -32.80 4.13
CA TRP B 344 -13.79 -33.90 4.01
C TRP B 344 -14.27 -34.97 3.03
N THR B 345 -15.58 -35.04 2.77
CA THR B 345 -16.10 -36.05 1.87
C THR B 345 -15.58 -35.82 0.45
N ILE B 346 -15.64 -34.58 -0.03
CA ILE B 346 -15.08 -34.27 -1.34
C ILE B 346 -13.60 -34.63 -1.39
N GLN B 347 -12.87 -34.29 -0.33
CA GLN B 347 -11.44 -34.62 -0.25
C GLN B 347 -11.21 -36.11 -0.43
N ILE B 348 -11.84 -36.91 0.42
CA ILE B 348 -11.55 -38.35 0.43
C ILE B 348 -12.05 -39.01 -0.84
N SER B 349 -13.17 -38.55 -1.39
CA SER B 349 -13.68 -39.12 -2.63
C SER B 349 -12.75 -38.82 -3.79
N ILE B 350 -12.37 -37.54 -3.94
CA ILE B 350 -11.53 -37.15 -5.07
C ILE B 350 -10.12 -37.69 -4.93
N THR B 351 -9.69 -38.06 -3.72
CA THR B 351 -8.39 -38.69 -3.57
C THR B 351 -8.45 -40.21 -3.74
N SER B 352 -9.62 -40.82 -3.52
CA SER B 352 -9.76 -42.26 -3.68
C SER B 352 -10.60 -42.65 -4.90
N THR B 353 -10.75 -41.74 -5.87
CA THR B 353 -11.46 -42.06 -7.12
C THR B 353 -10.51 -41.86 -8.31
N THR B 354 -9.26 -42.27 -8.11
CA THR B 354 -8.25 -42.33 -9.18
C THR B 354 -8.00 -40.98 -9.84
N LEU B 355 -7.44 -40.03 -9.10
CA LEU B 355 -7.03 -38.75 -9.66
C LEU B 355 -5.51 -38.70 -9.71
N LEU B 356 -4.98 -37.56 -10.17
CA LEU B 356 -3.56 -37.30 -10.34
C LEU B 356 -2.78 -37.71 -9.10
N PRO B 357 -1.53 -38.19 -9.27
CA PRO B 357 -0.74 -38.65 -8.11
C PRO B 357 -0.64 -37.61 -7.00
N HIS B 358 -0.15 -36.42 -7.34
CA HIS B 358 -0.04 -35.35 -6.37
C HIS B 358 -1.33 -34.53 -6.34
N SER B 359 -2.35 -35.02 -5.65
CA SER B 359 -3.62 -34.32 -5.59
C SER B 359 -4.12 -34.20 -4.15
N GLY B 360 -3.66 -35.10 -3.28
CA GLY B 360 -4.02 -35.01 -1.88
C GLY B 360 -3.55 -33.69 -1.26
N ASP B 361 -2.33 -33.28 -1.57
CA ASP B 361 -1.84 -32.00 -1.10
C ASP B 361 -2.55 -30.83 -1.78
N ILE B 362 -2.97 -31.00 -3.03
CA ILE B 362 -3.79 -29.97 -3.68
C ILE B 362 -5.05 -29.74 -2.86
N ILE B 363 -5.76 -30.81 -2.53
CA ILE B 363 -7.00 -30.68 -1.79
C ILE B 363 -6.75 -30.14 -0.38
N ALA B 364 -5.66 -30.59 0.25
CA ALA B 364 -5.36 -30.08 1.59
C ALA B 364 -5.09 -28.59 1.58
N THR B 365 -4.29 -28.12 0.61
CA THR B 365 -3.99 -26.70 0.54
C THR B 365 -5.22 -25.89 0.13
N VAL B 366 -6.14 -26.51 -0.62
CA VAL B 366 -7.35 -25.80 -1.00
C VAL B 366 -8.30 -25.68 0.18
N PHE B 367 -8.37 -26.69 1.04
CA PHE B 367 -9.36 -26.70 2.10
C PHE B 367 -8.83 -26.24 3.46
N ALA B 368 -7.53 -25.97 3.60
CA ALA B 368 -7.05 -25.45 4.88
C ALA B 368 -7.51 -24.01 5.13
N PRO B 369 -7.35 -23.06 4.20
CA PRO B 369 -7.92 -21.73 4.44
C PRO B 369 -9.42 -21.75 4.65
N LEU B 370 -10.12 -22.71 4.05
CA LEU B 370 -11.55 -22.85 4.30
C LEU B 370 -11.81 -23.26 5.74
N GLU B 371 -10.96 -24.11 6.31
CA GLU B 371 -11.10 -24.45 7.73
C GLU B 371 -10.84 -23.23 8.60
N VAL B 372 -9.83 -22.43 8.25
CA VAL B 372 -9.61 -21.20 9.00
C VAL B 372 -10.82 -20.28 8.90
N PHE B 373 -11.50 -20.26 7.76
CA PHE B 373 -12.71 -19.46 7.63
C PHE B 373 -13.81 -19.99 8.54
N ARG B 374 -13.95 -21.31 8.64
CA ARG B 374 -14.92 -21.88 9.56
C ARG B 374 -14.63 -21.43 10.98
N ARG B 375 -13.35 -21.44 11.39
CA ARG B 375 -13.00 -21.01 12.74
C ARG B 375 -13.29 -19.52 12.92
N PHE B 376 -13.08 -18.73 11.88
CA PHE B 376 -13.51 -17.33 11.88
C PHE B 376 -14.97 -17.20 12.28
N VAL B 377 -15.87 -17.83 11.51
CA VAL B 377 -17.30 -17.70 11.79
C VAL B 377 -17.62 -18.23 13.19
N TRP B 378 -16.98 -19.34 13.57
CA TRP B 378 -17.26 -19.92 14.88
C TRP B 378 -16.94 -18.93 16.00
N ASN B 379 -15.78 -18.26 15.92
CA ASN B 379 -15.48 -17.23 16.91
C ASN B 379 -16.52 -16.13 16.86
N PHE B 380 -16.83 -15.68 15.64
CA PHE B 380 -17.74 -14.57 15.39
C PHE B 380 -19.06 -14.76 16.11
N PHE B 381 -19.47 -16.02 16.30
CA PHE B 381 -20.70 -16.32 17.03
C PHE B 381 -20.50 -16.78 18.47
N ARG B 382 -19.37 -17.42 18.78
CA ARG B 382 -19.14 -17.92 20.13
C ARG B 382 -18.93 -16.78 21.11
N LEU B 383 -18.17 -15.76 20.74
CA LEU B 383 -18.01 -14.65 21.69
C LEU B 383 -19.34 -13.99 21.99
N GLU B 384 -20.20 -13.89 20.98
CA GLU B 384 -21.52 -13.30 21.18
C GLU B 384 -22.35 -14.16 22.11
N ASN B 385 -22.38 -15.47 21.90
CA ASN B 385 -23.16 -16.32 22.81
C ASN B 385 -22.59 -16.31 24.21
N GLU B 386 -21.27 -16.17 24.35
CA GLU B 386 -20.66 -16.12 25.67
C GLU B 386 -21.06 -14.86 26.41
N HIS B 387 -21.07 -13.72 25.71
CA HIS B 387 -21.53 -12.48 26.31
C HIS B 387 -23.01 -12.56 26.67
N LEU B 388 -23.82 -13.23 25.85
CA LEU B 388 -25.25 -13.24 26.10
C LEU B 388 -25.62 -14.19 27.23
N ASN B 389 -25.39 -15.49 27.05
CA ASN B 389 -25.94 -16.48 27.95
C ASN B 389 -24.95 -16.99 28.99
N ASN B 390 -23.67 -16.66 28.86
CA ASN B 390 -22.63 -17.19 29.75
C ASN B 390 -22.67 -18.72 29.74
N CYS B 391 -22.42 -19.29 28.56
CA CYS B 391 -22.51 -20.73 28.38
C CYS B 391 -21.50 -21.46 29.27
N GLY B 392 -20.21 -21.22 29.03
CA GLY B 392 -19.21 -21.75 29.93
C GLY B 392 -19.19 -20.94 31.22
N GLU B 393 -19.16 -21.68 32.30
CA GLU B 393 -19.21 -21.02 33.60
C GLU B 393 -17.86 -20.39 33.88
N PHE B 394 -17.52 -19.32 33.19
CA PHE B 394 -16.21 -18.69 33.33
C PHE B 394 -16.20 -17.53 34.31
N ARG B 395 -17.33 -16.84 34.48
CA ARG B 395 -17.39 -15.70 35.36
C ARG B 395 -18.73 -15.71 36.10
N ALA B 396 -18.78 -14.92 37.18
CA ALA B 396 -19.98 -14.81 38.02
C ALA B 396 -20.44 -16.17 38.52
#